data_7EBB
#
_entry.id   7EBB
#
_cell.length_a   70.624
_cell.length_b   69.360
_cell.length_c   81.283
_cell.angle_alpha   90.000
_cell.angle_beta   100.117
_cell.angle_gamma   90.000
#
_symmetry.space_group_name_H-M   'P 1 21 1'
#
loop_
_entity.id
_entity.type
_entity.pdbx_description
1 polymer '[Pyruvate dehydrogenase (acetyl-transferring)] kinase isozyme 4, mitochondrial'
2 non-polymer 'SULFATE ION'
3 non-polymer 1H-pyrrolo[2,3-b]pyridine-3-carbonitrile
4 non-polymer 'MAGNESIUM ION'
5 non-polymer "ADENOSINE-5'-DIPHOSPHATE"
6 water water
#
_entity_poly.entity_id   1
_entity_poly.type   'polypeptide(L)'
_entity_poly.pdbx_seq_one_letter_code
;GPSAGSLNGAGLVPREVEHFSRYSPSPLSMKQLLDFGSENACERTSFAFLRQELPVRLANILKEIDILPTQLVNTSSVQL
VKSWYIQSLMDLVEFHEKSPDDQKALSDFVDTLIKVRNRHHNVVPTMAQGIIEYKDACTVDPVTNQNLQYFLDRFYMNRI
STRMLMNQHILIFSDSQTGNPSHIGSIDPNCDVVAVVQDAFECSRMLCDQYYLSSPELKLTQVNGKFPDQPIHIVYVPSH
LHHMLFELFKNAMRATVEHQENQPSLTPIEVIVVLGKEDLTIKISDRGGGVPLRIIDRLFSYTYSTAPTPVMDNSRNAPL
AGFGYGLPISRLYAKYFQGDLNLYSLSGYGTDAIIYLKALSSESIEKLPVFNKSAFKHYQMSSEADDWCIPSREPKNLAK
EVAM
;
_entity_poly.pdbx_strand_id   A,B
#
# COMPACT_ATOMS: atom_id res chain seq x y z
N ARG A 15 17.76 37.31 -0.83
CA ARG A 15 19.14 36.97 -1.13
C ARG A 15 19.58 35.74 -0.35
N GLU A 16 19.54 35.84 0.98
CA GLU A 16 19.94 34.72 1.83
C GLU A 16 19.12 33.48 1.53
N VAL A 17 17.86 33.64 1.14
CA VAL A 17 17.01 32.49 0.84
C VAL A 17 17.58 31.72 -0.34
N GLU A 18 17.86 32.42 -1.44
CA GLU A 18 18.41 31.75 -2.62
C GLU A 18 19.73 31.07 -2.28
N HIS A 19 20.60 31.76 -1.54
CA HIS A 19 21.92 31.20 -1.22
C HIS A 19 21.79 29.91 -0.43
N PHE A 20 21.10 29.96 0.71
CA PHE A 20 21.03 28.79 1.58
C PHE A 20 20.15 27.69 1.00
N SER A 21 19.28 28.01 0.05
CA SER A 21 18.52 26.96 -0.62
C SER A 21 19.41 26.09 -1.50
N ARG A 22 20.62 26.55 -1.81
CA ARG A 22 21.55 25.74 -2.60
C ARG A 22 22.11 24.58 -1.80
N TYR A 23 22.14 24.68 -0.48
CA TYR A 23 22.58 23.58 0.36
C TYR A 23 21.50 22.52 0.47
N SER A 24 21.92 21.27 0.64
CA SER A 24 20.98 20.20 0.94
C SER A 24 20.89 19.99 2.44
N PRO A 25 19.69 19.80 3.00
CA PRO A 25 19.60 19.52 4.44
C PRO A 25 20.48 18.33 4.81
N SER A 26 20.95 18.33 6.05
CA SER A 26 21.79 17.26 6.57
C SER A 26 20.98 16.45 7.57
N PRO A 27 20.51 15.25 7.21
CA PRO A 27 19.69 14.49 8.14
C PRO A 27 20.52 13.89 9.27
N LEU A 28 19.94 13.89 10.47
CA LEU A 28 20.57 13.34 11.65
C LEU A 28 19.83 12.08 12.09
N SER A 29 20.57 11.17 12.73
CA SER A 29 19.97 10.02 13.38
C SER A 29 19.64 10.36 14.82
N MET A 30 18.69 9.61 15.37
CA MET A 30 18.40 9.73 16.79
C MET A 30 19.63 9.40 17.63
N LYS A 31 20.50 8.52 17.13
CA LYS A 31 21.73 8.21 17.84
C LYS A 31 22.66 9.40 17.88
N GLN A 32 22.80 10.11 16.75
CA GLN A 32 23.59 11.33 16.75
C GLN A 32 23.06 12.33 17.77
N LEU A 33 21.75 12.56 17.78
CA LEU A 33 21.16 13.48 18.73
C LEU A 33 21.40 13.02 20.16
N LEU A 34 21.51 11.71 20.38
CA LEU A 34 21.82 11.19 21.71
C LEU A 34 23.31 11.32 22.01
N ASP A 35 24.15 10.64 21.23
CA ASP A 35 25.59 10.67 21.48
C ASP A 35 26.11 12.09 21.60
N PHE A 36 25.50 13.03 20.89
CA PHE A 36 25.94 14.42 20.97
C PHE A 36 25.41 15.10 22.22
N GLY A 37 24.12 14.92 22.51
CA GLY A 37 23.52 15.52 23.69
C GLY A 37 23.74 14.69 24.94
N CYS A 42 28.38 19.41 23.49
CA CYS A 42 29.16 20.64 23.32
C CYS A 42 28.29 21.73 22.73
N GLU A 43 28.07 22.79 23.50
CA GLU A 43 27.17 23.86 23.06
C GLU A 43 27.73 24.58 21.83
N ARG A 44 29.05 24.75 21.78
CA ARG A 44 29.64 25.42 20.63
C ARG A 44 29.42 24.63 19.34
N THR A 45 29.48 23.30 19.43
CA THR A 45 29.26 22.47 18.24
C THR A 45 27.82 22.55 17.77
N SER A 46 26.87 22.41 18.71
CA SER A 46 25.46 22.54 18.35
C SER A 46 25.17 23.91 17.75
N PHE A 47 25.74 24.96 18.35
CA PHE A 47 25.55 26.31 17.84
C PHE A 47 26.04 26.42 16.40
N ALA A 48 27.27 25.96 16.15
CA ALA A 48 27.83 26.04 14.80
C ALA A 48 26.99 25.25 13.80
N PHE A 49 26.55 24.05 14.18
CA PHE A 49 25.74 23.24 13.29
C PHE A 49 24.39 23.90 12.99
N LEU A 50 23.68 24.31 14.05
CA LEU A 50 22.31 24.79 13.86
C LEU A 50 22.26 26.15 13.19
N ARG A 51 23.24 27.02 13.45
CA ARG A 51 23.24 28.31 12.77
C ARG A 51 23.38 28.15 11.27
N GLN A 52 23.93 27.02 10.81
CA GLN A 52 23.98 26.69 9.39
C GLN A 52 22.76 25.88 8.96
N GLU A 53 22.42 24.84 9.72
CA GLU A 53 21.44 23.86 9.25
C GLU A 53 20.03 24.45 9.22
N LEU A 54 19.66 25.23 10.23
CA LEU A 54 18.30 25.77 10.26
C LEU A 54 18.03 26.72 9.10
N PRO A 55 18.93 27.67 8.78
CA PRO A 55 18.72 28.45 7.55
C PRO A 55 18.60 27.60 6.30
N VAL A 56 19.39 26.53 6.19
CA VAL A 56 19.30 25.66 5.02
C VAL A 56 17.91 25.07 4.89
N ARG A 57 17.38 24.52 5.98
CA ARG A 57 16.05 23.90 5.91
C ARG A 57 14.96 24.93 5.68
N LEU A 58 15.07 26.11 6.31
CA LEU A 58 14.10 27.17 6.05
C LEU A 58 14.17 27.64 4.60
N ALA A 59 15.38 27.79 4.07
CA ALA A 59 15.51 28.26 2.69
C ALA A 59 14.99 27.23 1.71
N ASN A 60 15.26 25.95 1.94
CA ASN A 60 14.79 24.92 1.04
C ASN A 60 13.27 24.93 0.90
N ILE A 61 12.55 25.05 2.02
CA ILE A 61 11.10 25.03 1.96
C ILE A 61 10.54 26.36 1.48
N LEU A 62 11.24 27.47 1.74
CA LEU A 62 10.81 28.75 1.20
C LEU A 62 10.80 28.74 -0.32
N LYS A 63 11.84 28.15 -0.93
CA LYS A 63 11.87 28.07 -2.39
C LYS A 63 10.71 27.25 -2.93
N GLU A 64 10.24 26.26 -2.17
CA GLU A 64 9.13 25.44 -2.62
C GLU A 64 7.80 26.17 -2.50
N ILE A 65 7.65 27.02 -1.50
CA ILE A 65 6.44 27.83 -1.39
C ILE A 65 6.24 28.68 -2.64
N ASP A 66 7.33 29.07 -3.30
CA ASP A 66 7.25 30.00 -4.42
C ASP A 66 6.73 29.37 -5.71
N ILE A 67 6.60 28.04 -5.77
CA ILE A 67 6.03 27.40 -6.96
C ILE A 67 4.58 26.98 -6.75
N LEU A 68 4.00 27.25 -5.59
CA LEU A 68 2.59 26.98 -5.36
C LEU A 68 1.74 27.92 -6.20
N PRO A 69 0.47 27.57 -6.43
CA PRO A 69 -0.42 28.45 -7.20
C PRO A 69 -0.42 29.86 -6.62
N THR A 70 -0.54 30.85 -7.51
CA THR A 70 -0.41 32.24 -7.11
C THR A 70 -1.50 32.64 -6.13
N GLN A 71 -2.74 32.20 -6.37
CA GLN A 71 -3.82 32.55 -5.46
C GLN A 71 -3.63 31.93 -4.08
N LEU A 72 -2.89 30.84 -3.97
CA LEU A 72 -2.59 30.27 -2.66
C LEU A 72 -1.47 31.04 -1.97
N VAL A 73 -0.39 31.33 -2.70
CA VAL A 73 0.73 32.05 -2.10
C VAL A 73 0.30 33.44 -1.61
N ASN A 74 -0.67 34.05 -2.29
CA ASN A 74 -1.09 35.41 -1.96
C ASN A 74 -2.12 35.46 -0.85
N THR A 75 -2.57 34.33 -0.32
CA THR A 75 -3.40 34.36 0.87
C THR A 75 -2.63 35.02 2.01
N SER A 76 -3.35 35.72 2.89
CA SER A 76 -2.68 36.32 4.05
C SER A 76 -1.99 35.26 4.89
N SER A 77 -2.54 34.05 4.92
CA SER A 77 -1.98 32.99 5.76
C SER A 77 -0.63 32.54 5.23
N VAL A 78 -0.54 32.23 3.94
CA VAL A 78 0.74 31.81 3.38
C VAL A 78 1.74 32.96 3.43
N GLN A 79 1.26 34.20 3.22
CA GLN A 79 2.15 35.34 3.32
C GLN A 79 2.71 35.49 4.73
N LEU A 80 1.90 35.19 5.74
CA LEU A 80 2.39 35.19 7.12
C LEU A 80 3.48 34.14 7.31
N VAL A 81 3.21 32.90 6.88
CA VAL A 81 4.18 31.83 7.04
C VAL A 81 5.49 32.22 6.34
N LYS A 82 5.38 32.70 5.10
CA LYS A 82 6.58 33.11 4.36
C LYS A 82 7.31 34.22 5.09
N SER A 83 6.57 35.18 5.64
CA SER A 83 7.20 36.28 6.38
C SER A 83 7.89 35.77 7.64
N TRP A 84 7.25 34.85 8.37
CA TRP A 84 7.86 34.30 9.57
C TRP A 84 9.12 33.52 9.23
N TYR A 85 9.05 32.65 8.22
CA TYR A 85 10.20 31.84 7.87
C TYR A 85 11.37 32.72 7.40
N ILE A 86 11.08 33.76 6.61
CA ILE A 86 12.15 34.63 6.15
C ILE A 86 12.78 35.37 7.32
N GLN A 87 11.97 35.85 8.26
CA GLN A 87 12.52 36.57 9.40
C GLN A 87 13.36 35.65 10.29
N SER A 88 12.92 34.41 10.47
CA SER A 88 13.70 33.47 11.27
C SER A 88 15.01 33.13 10.60
N LEU A 89 15.00 32.95 9.28
CA LEU A 89 16.25 32.71 8.56
C LEU A 89 17.22 33.86 8.79
N MET A 90 16.75 35.10 8.64
CA MET A 90 17.62 36.25 8.84
C MET A 90 18.10 36.33 10.28
N ASP A 91 17.20 36.08 11.24
CA ASP A 91 17.62 36.05 12.64
C ASP A 91 18.78 35.09 12.85
N LEU A 92 18.73 33.92 12.22
CA LEU A 92 19.76 32.91 12.41
C LEU A 92 21.03 33.22 11.63
N VAL A 93 20.88 33.71 10.39
CA VAL A 93 22.05 34.05 9.58
C VAL A 93 22.90 35.10 10.28
N GLU A 94 22.29 35.93 11.13
CA GLU A 94 23.05 36.97 11.81
C GLU A 94 24.09 36.40 12.77
N PHE A 95 23.95 35.15 13.19
CA PHE A 95 24.92 34.54 14.08
C PHE A 95 26.14 33.98 13.35
N HIS A 96 26.13 33.99 12.01
CA HIS A 96 27.31 33.55 11.26
C HIS A 96 28.50 34.48 11.45
N GLU A 97 28.26 35.74 11.85
CA GLU A 97 29.33 36.68 12.11
C GLU A 97 29.83 36.63 13.55
N LYS A 98 29.28 35.76 14.38
CA LYS A 98 29.65 35.65 15.78
C LYS A 98 30.53 34.42 15.99
N SER A 99 31.37 34.49 17.02
CA SER A 99 32.26 33.37 17.32
C SER A 99 31.55 32.39 18.27
N PRO A 100 31.74 31.09 18.11
CA PRO A 100 31.18 30.14 19.10
C PRO A 100 31.67 30.39 20.51
N ASP A 101 32.83 31.02 20.67
CA ASP A 101 33.34 31.34 22.00
C ASP A 101 32.66 32.55 22.62
N ASP A 102 31.95 33.35 21.81
CA ASP A 102 31.24 34.52 22.31
C ASP A 102 30.07 34.05 23.16
N GLN A 103 30.21 34.17 24.49
CA GLN A 103 29.19 33.66 25.39
C GLN A 103 27.85 34.35 25.17
N LYS A 104 27.87 35.68 25.00
CA LYS A 104 26.62 36.38 24.73
C LYS A 104 25.97 35.87 23.45
N ALA A 105 26.78 35.44 22.47
CA ALA A 105 26.22 34.89 21.25
C ALA A 105 25.59 33.53 21.48
N LEU A 106 26.23 32.69 22.30
CA LEU A 106 25.63 31.41 22.65
C LEU A 106 24.33 31.61 23.41
N SER A 107 24.33 32.50 24.41
CA SER A 107 23.10 32.78 25.15
C SER A 107 22.06 33.45 24.26
N ASP A 108 22.48 34.40 23.42
CA ASP A 108 21.54 35.03 22.49
C ASP A 108 21.00 34.02 21.49
N PHE A 109 21.83 33.06 21.08
CA PHE A 109 21.34 32.03 20.16
C PHE A 109 20.21 31.23 20.79
N VAL A 110 20.35 30.85 22.06
CA VAL A 110 19.26 30.19 22.76
C VAL A 110 18.02 31.07 22.77
N ASP A 111 18.19 32.34 23.14
CA ASP A 111 17.06 33.26 23.14
C ASP A 111 16.43 33.36 21.75
N THR A 112 17.27 33.35 20.70
CA THR A 112 16.75 33.45 19.34
C THR A 112 15.97 32.21 18.95
N LEU A 113 16.46 31.03 19.34
CA LEU A 113 15.70 29.81 19.06
C LEU A 113 14.35 29.83 19.76
N ILE A 114 14.31 30.30 21.00
CA ILE A 114 13.04 30.45 21.71
C ILE A 114 12.14 31.42 20.95
N LYS A 115 12.70 32.54 20.50
CA LYS A 115 11.92 33.50 19.72
C LYS A 115 11.43 32.87 18.42
N VAL A 116 12.29 32.13 17.73
CA VAL A 116 11.87 31.47 16.49
C VAL A 116 10.78 30.44 16.78
N ARG A 117 10.94 29.66 17.85
CA ARG A 117 9.92 28.70 18.21
C ARG A 117 8.59 29.39 18.53
N ASN A 118 8.65 30.50 19.26
CA ASN A 118 7.44 31.27 19.51
C ASN A 118 6.85 31.80 18.21
N ARG A 119 7.71 32.28 17.30
CA ARG A 119 7.22 32.83 16.05
C ARG A 119 6.55 31.76 15.20
N HIS A 120 7.03 30.52 15.25
CA HIS A 120 6.49 29.43 14.47
C HIS A 120 5.41 28.64 15.19
N HIS A 121 4.97 29.11 16.37
CA HIS A 121 4.04 28.33 17.18
C HIS A 121 2.75 28.02 16.41
N ASN A 122 2.30 28.95 15.57
CA ASN A 122 1.02 28.81 14.88
C ASN A 122 1.17 28.53 13.38
N VAL A 123 2.30 27.95 12.97
CA VAL A 123 2.54 27.73 11.55
C VAL A 123 1.55 26.72 10.98
N VAL A 124 1.29 25.63 11.71
CA VAL A 124 0.46 24.55 11.18
C VAL A 124 -0.95 25.06 10.92
N PRO A 125 -1.65 25.63 11.91
CA PRO A 125 -3.01 26.12 11.64
C PRO A 125 -3.05 27.27 10.64
N THR A 126 -1.99 28.07 10.55
CA THR A 126 -1.98 29.17 9.59
C THR A 126 -1.86 28.64 8.16
N MET A 127 -0.92 27.73 7.92
CA MET A 127 -0.83 27.12 6.60
C MET A 127 -2.14 26.43 6.24
N ALA A 128 -2.71 25.66 7.18
CA ALA A 128 -3.97 25.00 6.92
C ALA A 128 -5.06 26.00 6.52
N GLN A 129 -5.06 27.17 7.16
CA GLN A 129 -6.06 28.18 6.82
C GLN A 129 -5.90 28.64 5.38
N GLY A 130 -4.65 28.86 4.94
CA GLY A 130 -4.43 29.23 3.55
C GLY A 130 -4.92 28.16 2.59
N ILE A 131 -4.63 26.89 2.90
CA ILE A 131 -5.07 25.80 2.04
C ILE A 131 -6.59 25.77 1.95
N ILE A 132 -7.25 25.82 3.11
CA ILE A 132 -8.72 25.74 3.12
C ILE A 132 -9.31 26.93 2.37
N GLU A 133 -8.75 28.12 2.55
N GLU A 133 -8.77 28.12 2.59
CA GLU A 133 -9.28 29.30 1.87
CA GLU A 133 -9.25 29.30 1.87
C GLU A 133 -9.09 29.18 0.36
C GLU A 133 -9.11 29.12 0.37
N TYR A 134 -7.93 28.69 -0.08
CA TYR A 134 -7.70 28.50 -1.51
C TYR A 134 -8.63 27.44 -2.08
N LYS A 135 -8.76 26.31 -1.39
CA LYS A 135 -9.59 25.22 -1.91
C LYS A 135 -11.05 25.63 -2.02
N ASP A 136 -11.57 26.33 -0.99
CA ASP A 136 -12.97 26.71 -1.00
C ASP A 136 -13.28 27.74 -2.07
N ALA A 137 -12.33 28.64 -2.36
CA ALA A 137 -12.61 29.76 -3.25
C ALA A 137 -12.27 29.48 -4.71
N CYS A 138 -11.27 28.64 -4.97
CA CYS A 138 -10.72 28.47 -6.30
C CYS A 138 -10.92 27.05 -6.79
N THR A 139 -10.92 26.90 -8.12
CA THR A 139 -10.93 25.58 -8.73
C THR A 139 -9.55 24.95 -8.61
N VAL A 140 -9.52 23.68 -8.22
CA VAL A 140 -8.28 22.93 -8.02
C VAL A 140 -8.33 21.72 -8.93
N ASP A 141 -7.54 21.76 -10.00
CA ASP A 141 -7.42 20.61 -10.89
C ASP A 141 -6.74 19.45 -10.16
N PRO A 142 -6.91 18.22 -10.66
CA PRO A 142 -6.33 17.07 -9.94
C PRO A 142 -4.82 17.16 -9.80
N VAL A 143 -4.11 17.67 -10.80
CA VAL A 143 -2.66 17.81 -10.69
C VAL A 143 -2.32 18.77 -9.55
N THR A 144 -2.98 19.92 -9.50
CA THR A 144 -2.74 20.87 -8.42
C THR A 144 -3.07 20.24 -7.07
N ASN A 145 -4.17 19.49 -7.00
CA ASN A 145 -4.54 18.84 -5.74
C ASN A 145 -3.46 17.86 -5.29
N GLN A 146 -2.89 17.11 -6.24
CA GLN A 146 -1.80 16.20 -5.88
C GLN A 146 -0.55 16.96 -5.46
N ASN A 147 -0.29 18.09 -6.12
CA ASN A 147 0.87 18.90 -5.74
C ASN A 147 0.71 19.50 -4.35
N LEU A 148 -0.52 19.86 -3.97
CA LEU A 148 -0.75 20.39 -2.62
C LEU A 148 -0.50 19.32 -1.56
N GLN A 149 -0.95 18.10 -1.82
CA GLN A 149 -0.63 16.98 -0.92
C GLN A 149 0.88 16.81 -0.81
N TYR A 150 1.56 16.78 -1.95
CA TYR A 150 3.01 16.65 -1.98
C TYR A 150 3.67 17.77 -1.18
N PHE A 151 3.28 19.01 -1.43
CA PHE A 151 3.89 20.13 -0.73
C PHE A 151 3.63 20.08 0.76
N LEU A 152 2.38 19.81 1.15
CA LEU A 152 2.03 19.86 2.57
C LEU A 152 2.76 18.79 3.36
N ASP A 153 2.88 17.58 2.81
CA ASP A 153 3.70 16.55 3.45
C ASP A 153 5.12 17.06 3.68
N ARG A 154 5.69 17.73 2.67
CA ARG A 154 7.06 18.19 2.77
C ARG A 154 7.17 19.40 3.69
N PHE A 155 6.21 20.32 3.60
CA PHE A 155 6.23 21.50 4.45
C PHE A 155 6.10 21.11 5.92
N TYR A 156 5.16 20.23 6.24
CA TYR A 156 4.94 19.87 7.63
C TYR A 156 6.06 18.98 8.15
N MET A 157 6.64 18.12 7.31
CA MET A 157 7.81 17.37 7.74
C MET A 157 8.98 18.31 8.02
N ASN A 158 9.17 19.30 7.14
CA ASN A 158 10.23 20.28 7.37
C ASN A 158 10.08 20.97 8.72
N ARG A 159 8.85 21.37 9.07
CA ARG A 159 8.62 21.99 10.38
C ARG A 159 8.88 21.02 11.51
N ILE A 160 8.38 19.79 11.39
CA ILE A 160 8.66 18.78 12.42
C ILE A 160 10.16 18.71 12.67
N SER A 161 10.95 18.80 11.61
CA SER A 161 12.39 18.60 11.73
C SER A 161 13.08 19.82 12.34
N THR A 162 12.69 21.03 11.93
CA THR A 162 13.31 22.22 12.54
C THR A 162 12.89 22.37 13.99
N ARG A 163 11.62 22.11 14.29
CA ARG A 163 11.18 22.13 15.68
C ARG A 163 11.94 21.11 16.51
N MET A 164 12.17 19.92 15.95
CA MET A 164 12.93 18.89 16.66
C MET A 164 14.32 19.40 17.02
N LEU A 165 15.06 19.88 16.02
CA LEU A 165 16.44 20.30 16.26
C LEU A 165 16.50 21.49 17.22
N MET A 166 15.65 22.49 17.00
CA MET A 166 15.69 23.67 17.86
C MET A 166 15.34 23.32 19.30
N ASN A 167 14.30 22.51 19.50
CA ASN A 167 13.91 22.15 20.86
C ASN A 167 14.99 21.36 21.57
N GLN A 168 15.72 20.54 20.82
CA GLN A 168 16.84 19.75 21.41
C GLN A 168 17.86 20.73 22.00
N HIS A 169 18.24 21.75 21.24
CA HIS A 169 19.24 22.72 21.71
C HIS A 169 18.70 23.53 22.87
N ILE A 170 17.44 23.98 22.78
CA ILE A 170 16.84 24.75 23.86
C ILE A 170 16.83 23.92 25.14
N LEU A 171 16.27 22.72 25.09
CA LEU A 171 16.09 21.92 26.30
C LEU A 171 17.42 21.55 26.93
N ILE A 172 18.46 21.34 26.12
CA ILE A 172 19.73 20.88 26.66
C ILE A 172 20.57 22.05 27.17
N PHE A 173 20.52 23.19 26.48
CA PHE A 173 21.44 24.29 26.76
C PHE A 173 20.77 25.52 27.37
N SER A 174 19.44 25.59 27.40
CA SER A 174 18.77 26.75 27.99
C SER A 174 18.83 26.67 29.51
N SER A 182 15.35 12.78 32.86
CA SER A 182 15.68 11.45 32.34
C SER A 182 15.80 11.48 30.81
N HIS A 183 15.23 12.50 30.20
CA HIS A 183 15.29 12.66 28.75
C HIS A 183 16.52 13.45 28.34
N ILE A 184 16.98 13.19 27.12
CA ILE A 184 18.07 14.00 26.52
C ILE A 184 17.30 14.94 25.60
N GLY A 185 16.98 16.12 26.09
CA GLY A 185 16.10 17.03 25.38
C GLY A 185 14.71 16.45 25.28
N SER A 186 14.26 16.20 24.05
CA SER A 186 12.96 15.60 23.81
C SER A 186 13.03 14.09 23.60
N ILE A 187 14.23 13.51 23.67
CA ILE A 187 14.43 12.09 23.38
C ILE A 187 14.47 11.33 24.71
N ASP A 188 13.61 10.33 24.84
CA ASP A 188 13.68 9.41 25.97
C ASP A 188 14.50 8.20 25.53
N PRO A 189 15.71 8.00 26.06
CA PRO A 189 16.50 6.84 25.63
C PRO A 189 15.93 5.51 26.08
N ASN A 190 14.95 5.50 26.99
CA ASN A 190 14.27 4.28 27.43
C ASN A 190 12.77 4.52 27.41
N CYS A 191 12.25 4.88 26.24
CA CYS A 191 10.86 5.23 26.09
C CYS A 191 9.96 4.05 26.44
N ASP A 192 9.10 4.24 27.44
CA ASP A 192 8.15 3.21 27.88
C ASP A 192 6.96 3.26 26.92
N VAL A 193 7.06 2.48 25.85
CA VAL A 193 6.07 2.56 24.77
C VAL A 193 4.67 2.30 25.29
N VAL A 194 4.50 1.21 26.06
CA VAL A 194 3.18 0.86 26.55
C VAL A 194 2.60 1.99 27.41
N ALA A 195 3.46 2.65 28.21
CA ALA A 195 2.99 3.74 29.04
C ALA A 195 2.49 4.91 28.18
N VAL A 196 3.18 5.20 27.08
CA VAL A 196 2.72 6.24 26.18
C VAL A 196 1.38 5.86 25.58
N VAL A 197 1.23 4.60 25.16
CA VAL A 197 -0.03 4.13 24.61
C VAL A 197 -1.16 4.36 25.61
N GLN A 198 -0.93 3.99 26.87
CA GLN A 198 -1.95 4.16 27.89
C GLN A 198 -2.27 5.64 28.11
N ASP A 199 -1.23 6.49 28.11
CA ASP A 199 -1.45 7.92 28.33
C ASP A 199 -2.25 8.53 27.19
N ALA A 200 -1.88 8.21 25.95
CA ALA A 200 -2.62 8.72 24.80
C ALA A 200 -4.06 8.23 24.80
N PHE A 201 -4.28 6.97 25.19
CA PHE A 201 -5.63 6.44 25.23
C PHE A 201 -6.48 7.18 26.25
N GLU A 202 -5.92 7.47 27.43
CA GLU A 202 -6.67 8.19 28.44
C GLU A 202 -7.01 9.60 27.97
N CYS A 203 -6.06 10.27 27.30
N CYS A 203 -6.07 10.25 27.29
CA CYS A 203 -6.35 11.58 26.75
CA CYS A 203 -6.34 11.58 26.74
C CYS A 203 -7.55 11.53 25.81
C CYS A 203 -7.53 11.54 25.80
N SER A 204 -7.58 10.54 24.91
CA SER A 204 -8.71 10.39 24.01
C SER A 204 -9.97 10.01 24.78
N ARG A 205 -9.82 9.14 25.77
CA ARG A 205 -10.97 8.72 26.58
C ARG A 205 -11.66 9.92 27.21
N MET A 206 -10.88 10.84 27.80
CA MET A 206 -11.47 11.99 28.47
C MET A 206 -12.32 12.80 27.50
N LEU A 207 -11.81 13.06 26.30
N LEU A 207 -11.82 13.06 26.29
CA LEU A 207 -12.59 13.79 25.30
CA LEU A 207 -12.60 13.80 25.31
C LEU A 207 -13.81 13.00 24.87
C LEU A 207 -13.82 13.01 24.86
N CYS A 208 -13.66 11.69 24.69
CA CYS A 208 -14.78 10.86 24.27
C CYS A 208 -15.89 10.87 25.32
N ASP A 209 -15.53 10.71 26.59
CA ASP A 209 -16.53 10.76 27.66
C ASP A 209 -17.21 12.13 27.71
N GLN A 210 -16.44 13.20 27.56
CA GLN A 210 -17.02 14.54 27.62
C GLN A 210 -18.05 14.74 26.53
N TYR A 211 -17.77 14.26 25.33
CA TYR A 211 -18.63 14.50 24.17
C TYR A 211 -19.77 13.49 24.05
N TYR A 212 -19.52 12.23 24.40
CA TYR A 212 -20.49 11.17 24.18
C TYR A 212 -21.04 10.55 25.46
N LEU A 213 -20.49 10.89 26.63
CA LEU A 213 -20.87 10.33 27.93
C LEU A 213 -20.48 8.87 28.08
N SER A 214 -19.71 8.32 27.14
N SER A 214 -19.74 8.32 27.12
CA SER A 214 -19.26 6.94 27.21
CA SER A 214 -19.22 6.96 27.23
C SER A 214 -18.10 6.76 26.25
C SER A 214 -18.00 6.86 26.33
N SER A 215 -17.21 5.81 26.56
CA SER A 215 -16.00 5.61 25.79
C SER A 215 -15.63 4.13 25.81
N PRO A 216 -14.99 3.62 24.77
CA PRO A 216 -14.51 2.23 24.80
C PRO A 216 -13.38 2.06 25.81
N GLU A 217 -13.26 0.83 26.30
CA GLU A 217 -12.14 0.48 27.15
C GLU A 217 -10.94 0.07 26.30
N LEU A 218 -9.79 -0.02 26.93
CA LEU A 218 -8.55 -0.43 26.28
C LEU A 218 -8.22 -1.86 26.67
N LYS A 219 -8.01 -2.70 25.66
CA LYS A 219 -7.51 -4.07 25.84
C LYS A 219 -6.13 -4.12 25.20
N LEU A 220 -5.09 -4.10 26.03
CA LEU A 220 -3.71 -3.98 25.57
C LEU A 220 -2.96 -5.27 25.83
N THR A 221 -2.22 -5.72 24.82
CA THR A 221 -1.27 -6.82 24.97
C THR A 221 0.06 -6.39 24.39
N GLN A 222 1.12 -7.04 24.84
CA GLN A 222 2.46 -6.70 24.37
C GLN A 222 3.27 -7.96 24.18
N VAL A 223 4.16 -7.93 23.20
CA VAL A 223 5.01 -9.06 22.87
C VAL A 223 6.42 -8.51 22.64
N ASN A 224 7.38 -8.96 23.44
CA ASN A 224 8.77 -8.56 23.28
C ASN A 224 9.49 -9.72 22.61
N GLY A 225 9.49 -9.72 21.28
CA GLY A 225 10.19 -10.76 20.54
C GLY A 225 11.70 -10.66 20.70
N LYS A 226 12.22 -9.44 20.81
CA LYS A 226 13.66 -9.26 20.98
C LYS A 226 14.11 -9.71 22.36
N PHE A 227 13.40 -9.29 23.41
CA PHE A 227 13.71 -9.63 24.80
C PHE A 227 12.47 -10.28 25.42
N PRO A 228 12.27 -11.58 25.20
CA PRO A 228 11.06 -12.23 25.73
C PRO A 228 10.79 -11.90 27.18
N ASP A 229 9.54 -11.54 27.46
CA ASP A 229 9.01 -11.25 28.80
C ASP A 229 9.60 -10.00 29.42
N GLN A 230 10.45 -9.25 28.70
CA GLN A 230 11.00 -8.01 29.26
C GLN A 230 10.21 -6.81 28.78
N PRO A 231 10.18 -5.71 29.53
CA PRO A 231 9.41 -4.54 29.10
C PRO A 231 9.97 -3.96 27.81
N ILE A 232 9.08 -3.34 27.04
CA ILE A 232 9.42 -2.84 25.72
C ILE A 232 9.86 -1.39 25.85
N HIS A 233 11.14 -1.15 25.55
CA HIS A 233 11.70 0.20 25.50
C HIS A 233 12.48 0.37 24.21
N ILE A 234 12.39 1.57 23.62
CA ILE A 234 13.25 1.98 22.52
C ILE A 234 13.64 3.42 22.74
N VAL A 235 14.64 3.87 22.00
CA VAL A 235 14.97 5.29 21.93
C VAL A 235 13.94 5.97 21.04
N TYR A 236 13.22 6.94 21.58
CA TYR A 236 12.25 7.66 20.76
C TYR A 236 11.89 8.98 21.43
N VAL A 237 11.19 9.82 20.66
CA VAL A 237 10.66 11.09 21.13
C VAL A 237 9.22 10.84 21.60
N PRO A 238 8.97 10.77 22.91
CA PRO A 238 7.62 10.38 23.37
C PRO A 238 6.52 11.31 22.92
N SER A 239 6.78 12.62 22.82
CA SER A 239 5.73 13.54 22.42
C SER A 239 5.25 13.24 21.00
N HIS A 240 6.17 12.82 20.12
CA HIS A 240 5.77 12.43 18.77
C HIS A 240 4.88 11.18 18.82
N LEU A 241 5.32 10.16 19.55
CA LEU A 241 4.54 8.94 19.65
C LEU A 241 3.17 9.22 20.26
N HIS A 242 3.11 10.10 21.27
CA HIS A 242 1.84 10.45 21.88
C HIS A 242 0.91 11.10 20.86
N HIS A 243 1.44 12.00 20.03
N HIS A 243 1.44 11.98 20.01
CA HIS A 243 0.62 12.65 19.01
CA HIS A 243 0.62 12.65 19.01
C HIS A 243 -0.01 11.63 18.05
C HIS A 243 -0.01 11.64 18.05
N MET A 244 0.80 10.69 17.57
CA MET A 244 0.29 9.69 16.63
C MET A 244 -0.81 8.86 17.26
N LEU A 245 -0.58 8.38 18.49
CA LEU A 245 -1.54 7.49 19.14
C LEU A 245 -2.81 8.24 19.53
N PHE A 246 -2.67 9.48 20.01
CA PHE A 246 -3.84 10.28 20.38
C PHE A 246 -4.77 10.44 19.18
N GLU A 247 -4.20 10.74 18.01
CA GLU A 247 -5.04 10.93 16.83
C GLU A 247 -5.72 9.63 16.42
N LEU A 248 -4.99 8.52 16.43
CA LEU A 248 -5.59 7.24 16.04
C LEU A 248 -6.66 6.81 17.04
N PHE A 249 -6.44 7.06 18.33
CA PHE A 249 -7.43 6.69 19.33
C PHE A 249 -8.68 7.54 19.21
N LYS A 250 -8.53 8.85 19.02
CA LYS A 250 -9.70 9.71 18.80
C LYS A 250 -10.55 9.16 17.65
N ASN A 251 -9.91 8.85 16.53
CA ASN A 251 -10.65 8.37 15.37
C ASN A 251 -11.28 7.02 15.65
N ALA A 252 -10.58 6.13 16.35
CA ALA A 252 -11.13 4.81 16.63
C ALA A 252 -12.26 4.89 17.65
N MET A 253 -12.15 5.79 18.63
CA MET A 253 -13.23 5.95 19.60
C MET A 253 -14.45 6.58 18.95
N ARG A 254 -14.25 7.62 18.13
CA ARG A 254 -15.38 8.23 17.44
C ARG A 254 -16.11 7.21 16.58
N ALA A 255 -15.34 6.42 15.81
CA ALA A 255 -15.97 5.44 14.93
C ALA A 255 -16.74 4.39 15.74
N THR A 256 -16.18 3.95 16.86
CA THR A 256 -16.85 2.97 17.69
C THR A 256 -18.16 3.51 18.26
N VAL A 257 -18.11 4.71 18.85
CA VAL A 257 -19.30 5.28 19.46
C VAL A 257 -20.36 5.54 18.40
N GLU A 258 -19.97 6.12 17.26
CA GLU A 258 -20.95 6.49 16.25
C GLU A 258 -21.52 5.25 15.55
N HIS A 259 -20.68 4.25 15.30
CA HIS A 259 -21.16 3.04 14.65
C HIS A 259 -22.04 2.22 15.58
N GLN A 260 -21.80 2.28 16.89
CA GLN A 260 -22.51 1.49 17.87
C GLN A 260 -23.45 2.35 18.72
N GLU A 261 -23.92 3.48 18.17
CA GLU A 261 -24.83 4.33 18.92
C GLU A 261 -26.09 3.59 19.33
N ASN A 262 -26.51 2.60 18.54
CA ASN A 262 -27.67 1.77 18.86
C ASN A 262 -27.26 0.51 19.62
N GLN A 263 -26.37 0.67 20.61
CA GLN A 263 -25.87 -0.44 21.40
C GLN A 263 -25.77 -0.02 22.86
N PRO A 264 -25.91 -0.96 23.79
CA PRO A 264 -25.84 -0.60 25.21
C PRO A 264 -24.42 -0.40 25.69
N SER A 265 -23.50 -1.22 25.18
CA SER A 265 -22.09 -1.16 25.53
C SER A 265 -21.26 -0.95 24.28
N LEU A 266 -19.99 -0.60 24.50
CA LEU A 266 -19.05 -0.31 23.43
C LEU A 266 -17.99 -1.41 23.36
N THR A 267 -17.70 -1.88 22.16
CA THR A 267 -16.60 -2.82 22.00
C THR A 267 -15.30 -2.12 22.36
N PRO A 268 -14.37 -2.81 23.02
CA PRO A 268 -13.10 -2.16 23.38
C PRO A 268 -12.28 -1.85 22.14
N ILE A 269 -11.27 -1.02 22.34
CA ILE A 269 -10.23 -0.79 21.34
C ILE A 269 -9.05 -1.67 21.72
N GLU A 270 -8.71 -2.60 20.84
CA GLU A 270 -7.66 -3.57 21.10
C GLU A 270 -6.33 -3.04 20.54
N VAL A 271 -5.29 -3.13 21.36
CA VAL A 271 -3.96 -2.65 20.98
C VAL A 271 -2.95 -3.73 21.30
N ILE A 272 -2.05 -4.00 20.36
CA ILE A 272 -0.93 -4.91 20.59
C ILE A 272 0.36 -4.17 20.25
N VAL A 273 1.31 -4.22 21.16
CA VAL A 273 2.62 -3.60 20.99
C VAL A 273 3.64 -4.72 20.86
N VAL A 274 4.40 -4.73 19.78
CA VAL A 274 5.36 -5.79 19.48
C VAL A 274 6.71 -5.17 19.21
N LEU A 275 7.75 -5.67 19.88
CA LEU A 275 9.12 -5.27 19.63
C LEU A 275 9.83 -6.42 18.91
N GLY A 276 10.12 -6.21 17.63
CA GLY A 276 10.90 -7.15 16.86
C GLY A 276 12.38 -6.77 16.87
N LYS A 277 13.13 -7.44 16.00
CA LYS A 277 14.57 -7.18 15.94
C LYS A 277 14.85 -5.82 15.33
N GLU A 278 14.17 -5.46 14.24
CA GLU A 278 14.37 -4.19 13.56
C GLU A 278 13.27 -3.17 13.81
N ASP A 279 12.08 -3.61 14.23
CA ASP A 279 10.90 -2.77 14.23
C ASP A 279 10.18 -2.82 15.57
N LEU A 280 9.52 -1.70 15.88
CA LEU A 280 8.61 -1.60 17.04
C LEU A 280 7.26 -1.34 16.37
N THR A 281 6.27 -2.22 16.52
CA THR A 281 4.99 -2.13 15.86
C THR A 281 3.87 -1.98 16.88
N ILE A 282 2.90 -1.12 16.57
CA ILE A 282 1.72 -0.92 17.39
C ILE A 282 0.51 -1.04 16.47
N LYS A 283 -0.39 -1.96 16.78
CA LYS A 283 -1.60 -2.15 15.99
C LYS A 283 -2.81 -1.83 16.86
N ILE A 284 -3.67 -0.94 16.35
CA ILE A 284 -4.86 -0.48 17.07
C ILE A 284 -6.07 -0.94 16.28
N SER A 285 -6.92 -1.74 16.92
CA SER A 285 -8.07 -2.35 16.25
C SER A 285 -9.36 -1.88 16.91
N ASP A 286 -10.34 -1.51 16.09
CA ASP A 286 -11.66 -1.13 16.57
C ASP A 286 -12.71 -1.84 15.74
N ARG A 287 -13.94 -1.85 16.26
CA ARG A 287 -15.08 -2.35 15.53
C ARG A 287 -16.04 -1.21 15.23
N GLY A 288 -15.49 -0.12 14.70
CA GLY A 288 -16.27 1.08 14.45
C GLY A 288 -16.85 1.16 13.05
N GLY A 289 -17.03 0.01 12.39
CA GLY A 289 -17.72 -0.05 11.13
C GLY A 289 -16.86 0.09 9.90
N GLY A 290 -15.62 0.56 10.05
CA GLY A 290 -14.70 0.61 8.93
C GLY A 290 -15.02 1.72 7.95
N VAL A 291 -14.26 1.72 6.86
CA VAL A 291 -14.36 2.74 5.82
C VAL A 291 -14.20 2.06 4.46
N PRO A 292 -14.97 2.41 3.44
CA PRO A 292 -14.79 1.79 2.13
C PRO A 292 -13.40 2.09 1.58
N LEU A 293 -12.78 1.06 0.98
CA LEU A 293 -11.43 1.23 0.44
C LEU A 293 -11.36 2.39 -0.54
N ARG A 294 -12.46 2.65 -1.25
CA ARG A 294 -12.46 3.72 -2.25
C ARG A 294 -12.05 5.06 -1.65
N ILE A 295 -12.43 5.32 -0.40
CA ILE A 295 -12.24 6.64 0.20
C ILE A 295 -11.26 6.60 1.37
N ILE A 296 -10.61 5.47 1.61
CA ILE A 296 -9.67 5.37 2.73
C ILE A 296 -8.56 6.42 2.57
N ASP A 297 -8.11 6.64 1.33
CA ASP A 297 -7.05 7.62 1.09
C ASP A 297 -7.50 9.04 1.40
N ARG A 298 -8.80 9.33 1.36
CA ARG A 298 -9.26 10.67 1.70
C ARG A 298 -8.89 11.05 3.11
N LEU A 299 -8.84 10.07 4.03
CA LEU A 299 -8.52 10.38 5.42
C LEU A 299 -7.12 10.98 5.54
N PHE A 300 -6.24 10.70 4.60
CA PHE A 300 -4.89 11.25 4.62
C PHE A 300 -4.77 12.52 3.79
N SER A 301 -5.83 12.93 3.09
CA SER A 301 -5.82 14.19 2.39
C SER A 301 -5.93 15.35 3.37
N TYR A 302 -5.27 16.45 3.05
CA TYR A 302 -5.32 17.64 3.89
C TYR A 302 -6.59 18.44 3.64
N PHE A 323 -10.12 19.96 11.52
CA PHE A 323 -9.41 20.34 10.31
C PHE A 323 -9.03 19.12 9.48
N GLY A 324 -9.10 17.93 10.10
CA GLY A 324 -8.73 16.72 9.41
C GLY A 324 -7.27 16.61 9.04
N TYR A 325 -6.40 17.32 9.75
CA TYR A 325 -4.96 17.25 9.53
C TYR A 325 -4.25 16.29 10.48
N GLY A 326 -4.94 15.82 11.51
CA GLY A 326 -4.27 15.00 12.52
C GLY A 326 -3.71 13.71 11.95
N LEU A 327 -4.47 13.05 11.07
CA LEU A 327 -4.02 11.77 10.54
C LEU A 327 -2.84 11.93 9.58
N PRO A 328 -2.89 12.81 8.57
CA PRO A 328 -1.72 12.97 7.71
C PRO A 328 -0.49 13.44 8.48
N ILE A 329 -0.66 14.34 9.45
CA ILE A 329 0.48 14.80 10.22
C ILE A 329 0.99 13.68 11.13
N SER A 330 0.10 12.87 11.68
CA SER A 330 0.53 11.71 12.47
C SER A 330 1.38 10.77 11.63
N ARG A 331 1.03 10.60 10.34
CA ARG A 331 1.85 9.76 9.48
C ARG A 331 3.21 10.40 9.24
N LEU A 332 3.27 11.73 9.15
CA LEU A 332 4.56 12.40 9.01
C LEU A 332 5.44 12.14 10.23
N TYR A 333 4.88 12.25 11.44
CA TYR A 333 5.65 11.93 12.63
C TYR A 333 6.23 10.53 12.54
N ALA A 334 5.43 9.55 12.10
CA ALA A 334 5.93 8.18 12.02
C ALA A 334 7.05 8.06 10.99
N LYS A 335 6.87 8.68 9.82
CA LYS A 335 7.87 8.58 8.76
C LYS A 335 9.09 9.46 9.02
N TYR A 336 9.01 10.40 9.97
CA TYR A 336 10.11 11.33 10.22
C TYR A 336 11.41 10.60 10.53
N PHE A 337 11.35 9.54 11.33
CA PHE A 337 12.50 8.72 11.65
C PHE A 337 12.43 7.36 10.96
N GLN A 338 11.93 7.33 9.73
CA GLN A 338 11.90 6.15 8.87
C GLN A 338 10.90 5.10 9.35
N GLY A 339 9.91 5.50 10.13
CA GLY A 339 8.78 4.64 10.45
C GLY A 339 7.69 4.77 9.40
N ASP A 340 6.47 4.41 9.81
CA ASP A 340 5.35 4.52 8.89
C ASP A 340 4.06 4.34 9.67
N LEU A 341 2.95 4.75 9.04
CA LEU A 341 1.63 4.63 9.63
C LEU A 341 0.65 4.28 8.52
N ASN A 342 -0.06 3.17 8.69
CA ASN A 342 -1.00 2.69 7.70
C ASN A 342 -2.32 2.36 8.36
N LEU A 343 -3.40 2.49 7.58
CA LEU A 343 -4.72 2.04 7.97
C LEU A 343 -5.17 0.95 6.99
N TYR A 344 -5.73 -0.12 7.52
CA TYR A 344 -6.43 -1.10 6.69
C TYR A 344 -7.74 -1.45 7.37
N SER A 345 -8.83 -1.22 6.66
CA SER A 345 -10.17 -1.26 7.21
C SER A 345 -10.94 -2.42 6.60
N LEU A 346 -11.90 -2.93 7.36
CA LEU A 346 -12.85 -3.93 6.91
C LEU A 346 -14.21 -3.26 6.92
N SER A 347 -14.57 -2.65 5.78
CA SER A 347 -15.81 -1.90 5.67
C SER A 347 -17.00 -2.76 6.09
N GLY A 348 -17.75 -2.27 7.08
CA GLY A 348 -18.84 -3.01 7.66
C GLY A 348 -18.52 -3.65 8.99
N TYR A 349 -17.26 -3.57 9.44
CA TYR A 349 -16.85 -4.22 10.67
C TYR A 349 -15.98 -3.31 11.53
N GLY A 350 -14.80 -2.95 11.03
CA GLY A 350 -13.89 -2.15 11.83
C GLY A 350 -12.63 -1.83 11.07
N THR A 351 -11.65 -1.29 11.80
CA THR A 351 -10.43 -0.78 11.20
C THR A 351 -9.22 -1.17 12.03
N ASP A 352 -8.13 -1.48 11.35
CA ASP A 352 -6.82 -1.68 11.96
C ASP A 352 -5.94 -0.50 11.58
N ALA A 353 -5.39 0.17 12.59
CA ALA A 353 -4.35 1.17 12.41
C ALA A 353 -3.03 0.61 12.93
N ILE A 354 -1.96 0.81 12.17
CA ILE A 354 -0.67 0.22 12.52
C ILE A 354 0.41 1.30 12.41
N ILE A 355 1.21 1.41 13.47
CA ILE A 355 2.38 2.29 13.50
C ILE A 355 3.62 1.42 13.47
N TYR A 356 4.57 1.77 12.61
CA TYR A 356 5.89 1.15 12.57
C TYR A 356 6.93 2.17 12.99
N LEU A 357 7.80 1.78 13.92
CA LEU A 357 8.94 2.60 14.31
C LEU A 357 10.21 1.75 14.24
N LYS A 358 11.32 2.39 13.85
CA LYS A 358 12.60 1.70 13.87
C LYS A 358 13.01 1.43 15.30
N ALA A 359 13.45 0.20 15.57
CA ALA A 359 13.83 -0.19 16.92
C ALA A 359 15.23 0.24 17.29
N LEU A 360 16.09 0.55 16.31
CA LEU A 360 17.47 0.93 16.53
C LEU A 360 17.64 2.42 16.31
N SER A 361 18.27 3.10 17.27
CA SER A 361 18.46 4.54 17.14
C SER A 361 19.36 4.90 15.97
N SER A 362 20.28 4.00 15.60
CA SER A 362 21.19 4.28 14.50
C SER A 362 20.47 4.29 13.15
N GLU A 363 19.36 3.56 13.05
CA GLU A 363 18.57 3.53 11.82
C GLU A 363 17.42 4.54 11.85
N SER A 364 17.22 5.24 12.97
CA SER A 364 16.19 6.27 13.08
C SER A 364 16.79 7.57 12.56
N ILE A 365 16.71 7.76 11.24
CA ILE A 365 17.36 8.88 10.56
C ILE A 365 16.27 9.79 10.00
N GLU A 366 16.47 11.10 10.15
CA GLU A 366 15.52 12.07 9.62
C GLU A 366 15.23 11.80 8.15
N LYS A 367 13.95 11.80 7.79
CA LYS A 367 13.52 11.76 6.40
C LYS A 367 13.12 13.19 6.02
N LEU A 368 14.01 13.87 5.29
CA LEU A 368 13.84 15.29 5.07
C LEU A 368 13.57 15.60 3.60
N PRO A 369 12.66 16.53 3.31
CA PRO A 369 12.48 16.99 1.94
C PRO A 369 13.58 17.94 1.53
N VAL A 370 14.01 17.81 0.27
CA VAL A 370 15.06 18.64 -0.31
C VAL A 370 14.52 19.26 -1.58
N PHE A 371 14.70 20.57 -1.73
CA PHE A 371 14.29 21.27 -2.94
C PHE A 371 15.42 21.16 -3.95
N ASN A 372 15.25 20.30 -4.94
CA ASN A 372 16.27 20.06 -5.95
C ASN A 372 15.56 19.74 -7.27
N LYS A 373 16.35 19.33 -8.27
CA LYS A 373 15.78 19.03 -9.58
C LYS A 373 14.66 18.00 -9.48
N SER A 374 14.86 16.97 -8.66
CA SER A 374 13.84 15.93 -8.53
C SER A 374 12.54 16.49 -7.94
N ALA A 375 12.66 17.41 -6.99
CA ALA A 375 11.48 18.01 -6.39
C ALA A 375 10.72 18.85 -7.41
N PHE A 376 11.41 19.77 -8.07
CA PHE A 376 10.76 20.61 -9.08
C PHE A 376 10.07 19.77 -10.14
N LYS A 377 10.76 18.71 -10.61
CA LYS A 377 10.16 17.84 -11.63
C LYS A 377 8.88 17.20 -11.12
N HIS A 378 8.86 16.79 -9.85
CA HIS A 378 7.67 16.17 -9.28
C HIS A 378 6.48 17.12 -9.35
N TYR A 379 6.71 18.43 -9.23
CA TYR A 379 5.63 19.40 -9.34
C TYR A 379 5.17 19.53 -10.79
N ASP A 386 -1.16 6.75 -17.50
CA ASP A 386 -1.94 6.34 -18.66
C ASP A 386 -1.54 4.94 -19.15
N ASP A 387 -0.56 4.33 -18.48
CA ASP A 387 -0.08 3.01 -18.88
C ASP A 387 -1.03 1.89 -18.47
N TRP A 388 -2.05 2.18 -17.67
CA TRP A 388 -3.10 1.24 -17.33
C TRP A 388 -4.44 1.85 -17.69
N CYS A 389 -5.36 1.03 -18.19
CA CYS A 389 -6.69 1.49 -18.56
C CYS A 389 -7.49 1.89 -17.34
N VAL B 13 8.37 -6.71 -36.00
CA VAL B 13 7.24 -7.58 -35.74
C VAL B 13 6.30 -7.60 -36.96
N PRO B 14 5.44 -8.62 -37.05
CA PRO B 14 4.52 -8.69 -38.18
C PRO B 14 3.62 -7.46 -38.24
N ARG B 15 3.15 -7.14 -39.45
CA ARG B 15 2.32 -5.96 -39.63
C ARG B 15 1.06 -6.02 -38.78
N GLU B 16 0.49 -7.22 -38.59
CA GLU B 16 -0.73 -7.34 -37.78
C GLU B 16 -0.48 -6.93 -36.34
N VAL B 17 0.71 -7.24 -35.82
CA VAL B 17 1.03 -6.87 -34.44
C VAL B 17 1.15 -5.36 -34.30
N GLU B 18 1.90 -4.74 -35.21
CA GLU B 18 2.06 -3.29 -35.16
C GLU B 18 0.70 -2.59 -35.26
N HIS B 19 -0.17 -3.08 -36.15
CA HIS B 19 -1.46 -2.43 -36.36
C HIS B 19 -2.33 -2.51 -35.11
N PHE B 20 -2.58 -3.72 -34.61
CA PHE B 20 -3.51 -3.88 -33.51
C PHE B 20 -2.93 -3.40 -32.19
N SER B 21 -1.61 -3.26 -32.09
CA SER B 21 -1.02 -2.66 -30.90
C SER B 21 -1.36 -1.18 -30.76
N ARG B 22 -1.82 -0.54 -31.85
CA ARG B 22 -2.15 0.88 -31.79
C ARG B 22 -3.46 1.13 -31.05
N TYR B 23 -4.29 0.12 -30.90
CA TYR B 23 -5.55 0.25 -30.20
C TYR B 23 -5.35 0.04 -28.71
N SER B 24 -6.23 0.66 -27.92
CA SER B 24 -6.23 0.42 -26.49
C SER B 24 -7.18 -0.72 -26.15
N PRO B 25 -6.81 -1.62 -25.23
CA PRO B 25 -7.77 -2.63 -24.77
C PRO B 25 -9.05 -1.97 -24.27
N SER B 26 -10.15 -2.72 -24.35
CA SER B 26 -11.45 -2.27 -23.87
C SER B 26 -11.83 -3.08 -22.65
N PRO B 27 -11.76 -2.52 -21.44
CA PRO B 27 -12.08 -3.30 -20.24
C PRO B 27 -13.57 -3.50 -20.05
N LEU B 28 -13.95 -4.71 -19.65
CA LEU B 28 -15.32 -5.06 -19.34
C LEU B 28 -15.50 -5.20 -17.84
N SER B 29 -16.75 -5.09 -17.39
CA SER B 29 -17.12 -5.37 -16.02
C SER B 29 -17.64 -6.79 -15.90
N MET B 30 -17.64 -7.31 -14.67
CA MET B 30 -18.24 -8.62 -14.46
C MET B 30 -19.74 -8.60 -14.70
N LYS B 31 -20.39 -7.46 -14.46
CA LYS B 31 -21.80 -7.34 -14.78
C LYS B 31 -22.03 -7.54 -16.27
N GLN B 32 -21.19 -6.93 -17.10
CA GLN B 32 -21.27 -7.12 -18.54
C GLN B 32 -21.02 -8.58 -18.92
N LEU B 33 -19.93 -9.15 -18.41
CA LEU B 33 -19.63 -10.55 -18.69
C LEU B 33 -20.79 -11.45 -18.30
N LEU B 34 -21.43 -11.16 -17.15
CA LEU B 34 -22.61 -11.92 -16.76
C LEU B 34 -23.74 -11.73 -17.78
N ASP B 35 -24.10 -10.48 -18.05
CA ASP B 35 -25.19 -10.20 -18.98
C ASP B 35 -24.92 -10.83 -20.35
N PHE B 36 -23.70 -10.66 -20.85
CA PHE B 36 -23.34 -11.25 -22.14
C PHE B 36 -23.38 -12.76 -22.13
N GLY B 37 -23.53 -13.39 -20.96
CA GLY B 37 -23.58 -14.84 -20.89
C GLY B 37 -24.95 -15.39 -20.53
N SER B 38 -25.93 -14.51 -20.32
CA SER B 38 -27.25 -14.95 -19.92
C SER B 38 -28.34 -14.22 -20.71
N GLU B 39 -28.88 -13.13 -20.16
CA GLU B 39 -29.99 -12.46 -20.81
C GLU B 39 -29.56 -11.82 -22.12
N ASN B 40 -28.42 -11.14 -22.13
CA ASN B 40 -27.86 -10.54 -23.33
C ASN B 40 -26.98 -11.51 -24.11
N ALA B 41 -27.13 -12.81 -23.87
CA ALA B 41 -26.31 -13.82 -24.55
C ALA B 41 -26.56 -13.78 -26.05
N CYS B 42 -25.60 -13.25 -26.80
CA CYS B 42 -25.66 -13.21 -28.26
C CYS B 42 -24.29 -13.66 -28.78
N GLU B 43 -24.22 -14.90 -29.28
CA GLU B 43 -22.95 -15.43 -29.75
C GLU B 43 -22.35 -14.54 -30.81
N ARG B 44 -23.18 -14.01 -31.71
CA ARG B 44 -22.68 -13.12 -32.76
C ARG B 44 -21.98 -11.90 -32.17
N THR B 45 -22.57 -11.30 -31.14
CA THR B 45 -21.99 -10.08 -30.57
C THR B 45 -20.69 -10.38 -29.84
N SER B 46 -20.64 -11.50 -29.11
CA SER B 46 -19.39 -11.87 -28.45
C SER B 46 -18.31 -12.18 -29.47
N PHE B 47 -18.67 -12.88 -30.54
CA PHE B 47 -17.73 -13.14 -31.62
C PHE B 47 -17.21 -11.84 -32.21
N ALA B 48 -18.10 -10.91 -32.53
CA ALA B 48 -17.67 -9.63 -33.11
C ALA B 48 -16.72 -8.89 -32.18
N PHE B 49 -16.99 -8.92 -30.88
CA PHE B 49 -16.13 -8.23 -29.92
C PHE B 49 -14.78 -8.91 -29.80
N LEU B 50 -14.79 -10.22 -29.54
CA LEU B 50 -13.55 -10.93 -29.20
C LEU B 50 -12.61 -11.04 -30.39
N ARG B 51 -13.14 -11.17 -31.62
CA ARG B 51 -12.25 -11.30 -32.76
C ARG B 51 -11.42 -10.03 -32.98
N GLN B 52 -11.86 -8.91 -32.42
CA GLN B 52 -11.09 -7.67 -32.42
C GLN B 52 -10.33 -7.45 -31.13
N GLU B 53 -10.98 -7.69 -29.98
CA GLU B 53 -10.36 -7.36 -28.70
C GLU B 53 -9.17 -8.26 -28.38
N LEU B 54 -9.29 -9.56 -28.67
CA LEU B 54 -8.19 -10.45 -28.35
C LEU B 54 -6.94 -10.11 -29.16
N PRO B 55 -7.02 -9.88 -30.48
CA PRO B 55 -5.85 -9.35 -31.19
C PRO B 55 -5.27 -8.08 -30.56
N VAL B 56 -6.12 -7.15 -30.11
CA VAL B 56 -5.62 -5.92 -29.52
C VAL B 56 -4.79 -6.22 -28.28
N ARG B 57 -5.33 -7.05 -27.39
CA ARG B 57 -4.62 -7.33 -26.15
C ARG B 57 -3.32 -8.10 -26.40
N LEU B 58 -3.35 -9.06 -27.32
CA LEU B 58 -2.12 -9.78 -27.66
C LEU B 58 -1.10 -8.85 -28.30
N ALA B 59 -1.53 -7.99 -29.21
CA ALA B 59 -0.59 -7.09 -29.87
C ALA B 59 0.01 -6.10 -28.88
N ASN B 60 -0.79 -5.61 -27.94
CA ASN B 60 -0.27 -4.64 -26.97
C ASN B 60 0.86 -5.25 -26.14
N ILE B 61 0.70 -6.48 -25.67
CA ILE B 61 1.72 -7.07 -24.82
C ILE B 61 2.91 -7.55 -25.66
N LEU B 62 2.68 -7.96 -26.91
CA LEU B 62 3.78 -8.35 -27.77
C LEU B 62 4.74 -7.19 -27.99
N LYS B 63 4.22 -5.96 -28.08
CA LYS B 63 5.10 -4.80 -28.23
C LYS B 63 5.99 -4.62 -27.01
N GLU B 64 5.46 -4.90 -25.82
CA GLU B 64 6.28 -4.77 -24.61
C GLU B 64 7.28 -5.91 -24.49
N ILE B 65 6.96 -7.09 -25.03
CA ILE B 65 7.94 -8.17 -25.04
C ILE B 65 9.17 -7.76 -25.84
N ASP B 66 8.99 -6.94 -26.88
CA ASP B 66 10.10 -6.59 -27.75
C ASP B 66 11.13 -5.71 -27.06
N ILE B 67 10.70 -4.93 -26.06
CA ILE B 67 11.59 -3.98 -25.40
C ILE B 67 12.22 -4.55 -24.13
N LEU B 68 11.96 -5.82 -23.82
CA LEU B 68 12.61 -6.47 -22.69
C LEU B 68 14.11 -6.55 -22.94
N PRO B 69 14.92 -6.84 -21.93
CA PRO B 69 16.35 -7.03 -22.17
C PRO B 69 16.60 -8.08 -23.24
N THR B 70 17.43 -7.73 -24.22
CA THR B 70 17.71 -8.64 -25.32
C THR B 70 18.13 -10.02 -24.83
N GLN B 71 18.82 -10.08 -23.68
CA GLN B 71 19.24 -11.36 -23.12
C GLN B 71 18.05 -12.17 -22.62
N LEU B 72 16.96 -11.50 -22.25
CA LEU B 72 15.75 -12.19 -21.82
C LEU B 72 14.85 -12.56 -23.00
N VAL B 73 14.68 -11.63 -23.95
CA VAL B 73 13.82 -11.89 -25.09
C VAL B 73 14.31 -13.09 -25.88
N ASN B 74 15.62 -13.32 -25.92
CA ASN B 74 16.21 -14.36 -26.75
C ASN B 74 16.24 -15.73 -26.07
N THR B 75 15.75 -15.85 -24.85
CA THR B 75 15.61 -17.17 -24.26
C THR B 75 14.59 -17.98 -25.05
N SER B 76 14.82 -19.29 -25.14
CA SER B 76 13.87 -20.14 -25.85
C SER B 76 12.47 -20.02 -25.27
N SER B 77 12.38 -19.76 -23.95
CA SER B 77 11.07 -19.67 -23.32
C SER B 77 10.31 -18.45 -23.81
N VAL B 78 10.94 -17.28 -23.81
CA VAL B 78 10.25 -16.06 -24.22
C VAL B 78 9.96 -16.09 -25.71
N GLN B 79 10.89 -16.61 -26.51
CA GLN B 79 10.65 -16.72 -27.94
C GLN B 79 9.45 -17.61 -28.23
N LEU B 80 9.27 -18.68 -27.43
CA LEU B 80 8.11 -19.54 -27.61
C LEU B 80 6.82 -18.80 -27.29
N VAL B 81 6.79 -18.12 -26.13
CA VAL B 81 5.62 -17.32 -25.76
C VAL B 81 5.29 -16.33 -26.87
N LYS B 82 6.30 -15.62 -27.36
CA LYS B 82 6.09 -14.69 -28.46
C LYS B 82 5.51 -15.41 -29.67
N SER B 83 6.11 -16.56 -30.02
CA SER B 83 5.62 -17.32 -31.17
C SER B 83 4.18 -17.78 -30.97
N TRP B 84 3.84 -18.18 -29.74
CA TRP B 84 2.46 -18.58 -29.44
C TRP B 84 1.50 -17.40 -29.62
N TYR B 85 1.82 -16.27 -28.98
CA TYR B 85 0.93 -15.12 -29.05
C TYR B 85 0.73 -14.65 -30.48
N ILE B 86 1.80 -14.64 -31.28
CA ILE B 86 1.67 -14.20 -32.67
C ILE B 86 0.73 -15.14 -33.43
N GLN B 87 0.92 -16.45 -33.28
CA GLN B 87 0.07 -17.40 -33.99
C GLN B 87 -1.39 -17.25 -33.56
N SER B 88 -1.63 -17.11 -32.25
CA SER B 88 -3.00 -16.89 -31.78
C SER B 88 -3.58 -15.62 -32.37
N LEU B 89 -2.80 -14.55 -32.41
N LEU B 89 -2.80 -14.54 -32.38
CA LEU B 89 -3.27 -13.31 -33.03
CA LEU B 89 -3.24 -13.32 -33.03
C LEU B 89 -3.66 -13.55 -34.48
C LEU B 89 -3.67 -13.58 -34.47
N MET B 90 -2.80 -14.26 -35.24
CA MET B 90 -3.12 -14.55 -36.63
C MET B 90 -4.35 -15.43 -36.74
N ASP B 91 -4.46 -16.45 -35.88
CA ASP B 91 -5.64 -17.31 -35.90
C ASP B 91 -6.91 -16.49 -35.77
N LEU B 92 -6.90 -15.48 -34.90
CA LEU B 92 -8.10 -14.69 -34.63
C LEU B 92 -8.38 -13.71 -35.76
N VAL B 93 -7.34 -13.08 -36.31
CA VAL B 93 -7.56 -12.13 -37.39
C VAL B 93 -8.09 -12.80 -38.65
N GLU B 94 -7.86 -14.10 -38.81
CA GLU B 94 -8.42 -14.81 -39.95
C GLU B 94 -9.94 -14.80 -39.95
N PHE B 95 -10.57 -14.51 -38.81
CA PHE B 95 -12.02 -14.45 -38.70
C PHE B 95 -12.59 -13.08 -39.04
N HIS B 96 -11.74 -12.08 -39.28
CA HIS B 96 -12.24 -10.73 -39.51
C HIS B 96 -13.04 -10.60 -40.80
N GLU B 97 -12.81 -11.48 -41.78
CA GLU B 97 -13.57 -11.45 -43.01
C GLU B 97 -14.92 -12.16 -42.89
N LYS B 98 -15.05 -13.09 -41.95
CA LYS B 98 -16.26 -13.89 -41.86
C LYS B 98 -17.41 -13.08 -41.32
N SER B 99 -18.63 -13.56 -41.60
CA SER B 99 -19.83 -12.88 -41.11
C SER B 99 -20.27 -13.45 -39.77
N PRO B 100 -20.67 -12.62 -38.81
CA PRO B 100 -21.24 -13.17 -37.57
C PRO B 100 -22.45 -14.06 -37.81
N ASP B 101 -23.15 -13.86 -38.92
CA ASP B 101 -24.30 -14.69 -39.27
C ASP B 101 -23.90 -16.05 -39.80
N ASP B 102 -22.59 -16.31 -39.98
CA ASP B 102 -22.10 -17.59 -40.49
C ASP B 102 -21.96 -18.54 -39.32
N GLN B 103 -22.89 -19.49 -39.19
CA GLN B 103 -22.85 -20.42 -38.08
C GLN B 103 -21.57 -21.27 -38.11
N LYS B 104 -21.08 -21.62 -39.30
CA LYS B 104 -19.82 -22.36 -39.37
C LYS B 104 -18.66 -21.53 -38.87
N ALA B 105 -18.70 -20.21 -39.07
CA ALA B 105 -17.64 -19.34 -38.55
C ALA B 105 -17.69 -19.28 -37.03
N LEU B 106 -18.90 -19.15 -36.47
CA LEU B 106 -19.03 -19.13 -35.01
C LEU B 106 -18.54 -20.44 -34.40
N SER B 107 -18.90 -21.57 -35.01
CA SER B 107 -18.43 -22.85 -34.52
C SER B 107 -16.91 -22.96 -34.64
N ASP B 108 -16.36 -22.59 -35.80
CA ASP B 108 -14.91 -22.58 -35.95
C ASP B 108 -14.24 -21.64 -34.97
N PHE B 109 -14.89 -20.51 -34.65
CA PHE B 109 -14.32 -19.58 -33.69
C PHE B 109 -14.18 -20.23 -32.32
N VAL B 110 -15.21 -20.96 -31.88
CA VAL B 110 -15.12 -21.69 -30.63
C VAL B 110 -13.94 -22.67 -30.68
N ASP B 111 -13.85 -23.44 -31.77
CA ASP B 111 -12.73 -24.36 -31.90
C ASP B 111 -11.40 -23.63 -31.82
N THR B 112 -11.34 -22.43 -32.40
CA THR B 112 -10.10 -21.67 -32.41
C THR B 112 -9.76 -21.16 -31.00
N LEU B 113 -10.75 -20.73 -30.23
CA LEU B 113 -10.48 -20.31 -28.86
C LEU B 113 -9.98 -21.48 -28.03
N ILE B 114 -10.57 -22.67 -28.21
CA ILE B 114 -10.08 -23.85 -27.49
C ILE B 114 -8.63 -24.12 -27.88
N LYS B 115 -8.31 -23.99 -29.17
CA LYS B 115 -6.93 -24.18 -29.60
C LYS B 115 -6.00 -23.15 -28.96
N VAL B 116 -6.41 -21.88 -28.97
CA VAL B 116 -5.60 -20.82 -28.38
C VAL B 116 -5.45 -21.06 -26.88
N ARG B 117 -6.54 -21.41 -26.20
CA ARG B 117 -6.47 -21.68 -24.76
C ARG B 117 -5.49 -22.81 -24.48
N ASN B 118 -5.60 -23.92 -25.22
CA ASN B 118 -4.67 -25.02 -25.03
C ASN B 118 -3.23 -24.59 -25.34
N ARG B 119 -3.06 -23.77 -26.37
CA ARG B 119 -1.72 -23.29 -26.73
C ARG B 119 -1.12 -22.43 -25.63
N HIS B 120 -1.93 -21.59 -25.00
CA HIS B 120 -1.46 -20.69 -23.96
C HIS B 120 -1.45 -21.34 -22.58
N HIS B 121 -1.84 -22.61 -22.48
CA HIS B 121 -1.98 -23.26 -21.17
C HIS B 121 -0.69 -23.14 -20.36
N ASN B 122 0.46 -23.28 -21.00
CA ASN B 122 1.75 -23.30 -20.33
C ASN B 122 2.49 -21.98 -20.45
N VAL B 123 1.78 -20.87 -20.61
CA VAL B 123 2.44 -19.57 -20.76
C VAL B 123 3.11 -19.16 -19.45
N VAL B 124 2.38 -19.24 -18.33
CA VAL B 124 2.93 -18.76 -17.06
C VAL B 124 4.19 -19.53 -16.68
N PRO B 125 4.20 -20.86 -16.62
CA PRO B 125 5.47 -21.55 -16.31
C PRO B 125 6.56 -21.32 -17.34
N THR B 126 6.20 -21.23 -18.62
CA THR B 126 7.19 -20.95 -19.64
C THR B 126 7.85 -19.59 -19.42
N MET B 127 7.03 -18.55 -19.21
CA MET B 127 7.59 -17.23 -18.92
C MET B 127 8.42 -17.27 -17.64
N ALA B 128 7.90 -17.92 -16.59
CA ALA B 128 8.66 -18.03 -15.35
C ALA B 128 9.98 -18.75 -15.59
N GLN B 129 9.96 -19.84 -16.34
CA GLN B 129 11.21 -20.52 -16.69
C GLN B 129 12.19 -19.57 -17.34
N GLY B 130 11.73 -18.78 -18.30
CA GLY B 130 12.60 -17.80 -18.92
C GLY B 130 13.22 -16.86 -17.90
N ILE B 131 12.41 -16.32 -16.99
CA ILE B 131 12.92 -15.43 -15.95
C ILE B 131 13.99 -16.14 -15.14
N ILE B 132 13.78 -17.43 -14.85
CA ILE B 132 14.76 -18.19 -14.06
C ILE B 132 16.08 -18.29 -14.81
N GLU B 133 16.02 -18.62 -16.10
CA GLU B 133 17.24 -18.72 -16.89
C GLU B 133 17.95 -17.38 -16.99
N TYR B 134 17.21 -16.33 -17.38
CA TYR B 134 17.78 -15.00 -17.44
C TYR B 134 18.44 -14.60 -16.12
N LYS B 135 17.95 -15.13 -15.01
CA LYS B 135 18.56 -14.85 -13.71
C LYS B 135 19.87 -15.61 -13.53
N ASP B 136 19.92 -16.86 -13.97
N ASP B 136 19.92 -16.86 -13.97
CA ASP B 136 21.13 -17.67 -13.80
CA ASP B 136 21.13 -17.67 -13.80
C ASP B 136 22.23 -17.25 -14.78
C ASP B 136 22.24 -17.22 -14.76
N ALA B 137 21.86 -16.77 -15.97
CA ALA B 137 22.84 -16.41 -16.99
C ALA B 137 23.26 -14.95 -16.95
N CYS B 138 22.58 -14.10 -16.17
CA CYS B 138 22.89 -12.69 -16.15
C CYS B 138 22.76 -12.04 -14.77
N THR B 139 22.30 -12.76 -13.75
CA THR B 139 22.12 -12.25 -12.40
C THR B 139 20.99 -11.24 -12.31
N VAL B 140 20.21 -11.07 -13.38
CA VAL B 140 19.11 -10.11 -13.39
C VAL B 140 17.83 -10.84 -12.98
N ASP B 141 17.18 -10.34 -11.95
CA ASP B 141 15.94 -10.91 -11.44
C ASP B 141 14.96 -9.79 -11.15
N PRO B 142 13.66 -10.08 -11.15
CA PRO B 142 12.67 -9.02 -10.86
C PRO B 142 12.85 -8.37 -9.51
N VAL B 143 13.59 -8.99 -8.59
CA VAL B 143 13.75 -8.42 -7.26
C VAL B 143 14.51 -7.10 -7.33
N THR B 144 15.56 -7.05 -8.15
CA THR B 144 16.37 -5.84 -8.28
C THR B 144 16.08 -5.05 -9.55
N ASN B 145 15.51 -5.69 -10.57
CA ASN B 145 15.24 -5.04 -11.85
C ASN B 145 13.78 -4.60 -11.87
N GLN B 146 13.56 -3.29 -11.70
CA GLN B 146 12.21 -2.77 -11.65
C GLN B 146 11.51 -2.86 -13.00
N ASN B 147 12.27 -2.84 -14.10
CA ASN B 147 11.66 -2.99 -15.42
C ASN B 147 11.07 -4.37 -15.59
N LEU B 148 11.75 -5.41 -15.10
CA LEU B 148 11.23 -6.77 -15.21
C LEU B 148 10.02 -6.96 -14.30
N GLN B 149 10.07 -6.39 -13.10
CA GLN B 149 8.89 -6.41 -12.24
C GLN B 149 7.71 -5.73 -12.91
N TYR B 150 7.97 -4.55 -13.50
CA TYR B 150 6.91 -3.81 -14.18
C TYR B 150 6.32 -4.63 -15.32
N PHE B 151 7.18 -5.25 -16.13
CA PHE B 151 6.69 -6.04 -17.26
C PHE B 151 5.88 -7.23 -16.79
N LEU B 152 6.34 -7.93 -15.75
CA LEU B 152 5.69 -9.17 -15.35
C LEU B 152 4.28 -8.90 -14.81
N ASP B 153 4.10 -7.82 -14.05
CA ASP B 153 2.76 -7.43 -13.63
C ASP B 153 1.84 -7.28 -14.83
N ARG B 154 2.33 -6.61 -15.87
CA ARG B 154 1.51 -6.32 -17.04
C ARG B 154 1.30 -7.56 -17.90
N PHE B 155 2.36 -8.35 -18.09
CA PHE B 155 2.24 -9.57 -18.89
C PHE B 155 1.29 -10.56 -18.23
N TYR B 156 1.44 -10.78 -16.93
CA TYR B 156 0.59 -11.75 -16.25
C TYR B 156 -0.85 -11.23 -16.14
N MET B 157 -1.03 -9.93 -15.90
CA MET B 157 -2.38 -9.39 -15.90
C MET B 157 -3.02 -9.52 -17.28
N ASN B 158 -2.24 -9.24 -18.33
CA ASN B 158 -2.73 -9.41 -19.70
C ASN B 158 -3.22 -10.82 -19.93
N ARG B 159 -2.43 -11.83 -19.52
CA ARG B 159 -2.83 -13.21 -19.71
C ARG B 159 -4.09 -13.54 -18.91
N ILE B 160 -4.14 -13.11 -17.65
CA ILE B 160 -5.36 -13.31 -16.85
C ILE B 160 -6.56 -12.80 -17.62
N SER B 161 -6.43 -11.63 -18.27
CA SER B 161 -7.58 -11.02 -18.91
C SER B 161 -7.98 -11.75 -20.18
N THR B 162 -7.01 -12.21 -20.98
CA THR B 162 -7.36 -12.92 -22.21
C THR B 162 -7.91 -14.30 -21.89
N ARG B 163 -7.34 -14.98 -20.91
CA ARG B 163 -7.90 -16.26 -20.48
C ARG B 163 -9.33 -16.09 -19.99
N MET B 164 -9.58 -15.04 -19.20
CA MET B 164 -10.93 -14.75 -18.73
C MET B 164 -11.91 -14.64 -19.89
N LEU B 165 -11.58 -13.78 -20.87
CA LEU B 165 -12.53 -13.50 -21.95
C LEU B 165 -12.75 -14.73 -22.83
N MET B 166 -11.68 -15.44 -23.18
CA MET B 166 -11.84 -16.61 -24.04
C MET B 166 -12.60 -17.71 -23.31
N ASN B 167 -12.27 -17.97 -22.05
CA ASN B 167 -12.97 -18.99 -21.29
C ASN B 167 -14.46 -18.68 -21.20
N GLN B 168 -14.80 -17.41 -21.02
CA GLN B 168 -16.21 -17.02 -20.96
C GLN B 168 -16.95 -17.43 -22.23
N HIS B 169 -16.34 -17.15 -23.39
CA HIS B 169 -16.96 -17.54 -24.65
C HIS B 169 -17.03 -19.06 -24.80
N ILE B 170 -15.92 -19.75 -24.51
CA ILE B 170 -15.91 -21.21 -24.64
C ILE B 170 -16.97 -21.82 -23.74
N LEU B 171 -17.00 -21.42 -22.47
CA LEU B 171 -17.86 -22.07 -21.49
C LEU B 171 -19.33 -21.75 -21.70
N ILE B 172 -19.65 -20.71 -22.47
CA ILE B 172 -21.03 -20.33 -22.73
C ILE B 172 -21.54 -20.91 -24.04
N PHE B 173 -20.70 -20.94 -25.08
CA PHE B 173 -21.16 -21.25 -26.42
C PHE B 173 -20.62 -22.56 -26.99
N SER B 174 -19.65 -23.20 -26.35
CA SER B 174 -19.11 -24.43 -26.89
C SER B 174 -20.06 -25.60 -26.65
N ASP B 175 -19.93 -26.62 -27.51
CA ASP B 175 -20.78 -27.81 -27.39
C ASP B 175 -20.39 -28.65 -26.18
N SER B 176 -19.08 -28.86 -25.97
CA SER B 176 -18.60 -29.86 -25.03
C SER B 176 -17.93 -29.28 -23.79
N GLN B 177 -17.75 -27.97 -23.71
CA GLN B 177 -17.09 -27.32 -22.58
C GLN B 177 -18.13 -26.44 -21.91
N THR B 178 -18.80 -26.98 -20.90
CA THR B 178 -19.92 -26.30 -20.24
C THR B 178 -19.55 -25.74 -18.87
N GLY B 179 -18.40 -26.14 -18.31
CA GLY B 179 -18.01 -25.62 -17.02
C GLY B 179 -18.97 -26.04 -15.93
N ASN B 180 -19.07 -25.19 -14.90
CA ASN B 180 -19.92 -25.49 -13.76
C ASN B 180 -21.36 -25.09 -14.07
N PRO B 181 -22.32 -26.00 -13.92
CA PRO B 181 -23.72 -25.65 -14.25
C PRO B 181 -24.24 -24.43 -13.53
N SER B 182 -23.81 -24.17 -12.31
CA SER B 182 -24.30 -23.03 -11.55
C SER B 182 -23.61 -21.73 -11.90
N HIS B 183 -22.59 -21.77 -12.76
CA HIS B 183 -21.83 -20.59 -13.14
C HIS B 183 -22.25 -20.11 -14.54
N ILE B 184 -22.01 -18.84 -14.79
CA ILE B 184 -22.16 -18.25 -16.12
C ILE B 184 -20.73 -18.11 -16.65
N GLY B 185 -20.32 -19.07 -17.48
CA GLY B 185 -18.92 -19.19 -17.82
C GLY B 185 -18.11 -19.56 -16.60
N SER B 186 -17.18 -18.70 -16.20
N SER B 186 -17.18 -18.70 -16.20
CA SER B 186 -16.38 -18.90 -15.00
CA SER B 186 -16.40 -18.91 -14.99
C SER B 186 -16.84 -18.01 -13.85
C SER B 186 -16.88 -18.06 -13.82
N ILE B 187 -17.94 -17.29 -14.00
CA ILE B 187 -18.44 -16.36 -13.00
C ILE B 187 -19.54 -17.05 -12.20
N ASP B 188 -19.40 -17.04 -10.88
CA ASP B 188 -20.48 -17.48 -10.00
C ASP B 188 -21.26 -16.25 -9.57
N PRO B 189 -22.49 -16.03 -10.07
CA PRO B 189 -23.24 -14.85 -9.64
C PRO B 189 -23.62 -14.86 -8.16
N ASN B 190 -23.48 -15.99 -7.49
CA ASN B 190 -23.78 -16.14 -6.06
C ASN B 190 -22.63 -16.84 -5.35
N CYS B 191 -21.42 -16.30 -5.55
CA CYS B 191 -20.22 -16.97 -5.03
C CYS B 191 -20.27 -17.09 -3.51
N ASP B 192 -20.20 -18.33 -3.03
CA ASP B 192 -20.20 -18.62 -1.60
C ASP B 192 -18.78 -18.40 -1.09
N VAL B 193 -18.52 -17.18 -0.63
CA VAL B 193 -17.15 -16.78 -0.29
C VAL B 193 -16.58 -17.67 0.80
N VAL B 194 -17.37 -17.90 1.87
CA VAL B 194 -16.86 -18.67 3.00
C VAL B 194 -16.52 -20.10 2.55
N ALA B 195 -17.34 -20.66 1.65
CA ALA B 195 -17.07 -22.01 1.16
C ALA B 195 -15.75 -22.07 0.40
N VAL B 196 -15.44 -21.03 -0.37
CA VAL B 196 -14.17 -20.99 -1.09
C VAL B 196 -13.01 -20.87 -0.10
N VAL B 197 -13.19 -20.07 0.96
CA VAL B 197 -12.16 -19.95 1.98
C VAL B 197 -11.85 -21.31 2.58
N GLN B 198 -12.89 -22.05 2.99
CA GLN B 198 -12.68 -23.34 3.61
C GLN B 198 -12.01 -24.32 2.64
N ASP B 199 -12.45 -24.32 1.38
CA ASP B 199 -11.84 -25.18 0.38
C ASP B 199 -10.36 -24.85 0.20
N ALA B 200 -10.04 -23.57 0.03
CA ALA B 200 -8.65 -23.16 -0.15
C ALA B 200 -7.82 -23.52 1.07
N PHE B 201 -8.38 -23.34 2.27
CA PHE B 201 -7.64 -23.68 3.48
C PHE B 201 -7.31 -25.17 3.51
N GLU B 202 -8.30 -26.01 3.20
N GLU B 202 -8.29 -26.02 3.20
CA GLU B 202 -8.07 -27.46 3.16
CA GLU B 202 -8.03 -27.46 3.20
C GLU B 202 -6.98 -27.81 2.15
C GLU B 202 -7.00 -27.85 2.16
N CYS B 203 -7.02 -27.22 0.96
N CYS B 203 -7.01 -27.18 1.00
CA CYS B 203 -5.98 -27.46 -0.02
CA CYS B 203 -6.00 -27.45 -0.01
C CYS B 203 -4.60 -27.14 0.56
C CYS B 203 -4.61 -27.11 0.50
N SER B 204 -4.47 -25.97 1.18
CA SER B 204 -3.19 -25.59 1.78
C SER B 204 -2.83 -26.53 2.93
N ARG B 205 -3.83 -26.94 3.71
N ARG B 205 -3.83 -26.95 3.71
CA ARG B 205 -3.56 -27.87 4.81
CA ARG B 205 -3.58 -27.87 4.81
C ARG B 205 -2.95 -29.17 4.30
C ARG B 205 -2.97 -29.17 4.32
N MET B 206 -3.52 -29.73 3.24
CA MET B 206 -3.00 -31.00 2.72
C MET B 206 -1.54 -30.88 2.32
N LEU B 207 -1.17 -29.78 1.66
CA LEU B 207 0.23 -29.59 1.27
C LEU B 207 1.10 -29.33 2.50
N CYS B 208 0.61 -28.52 3.44
CA CYS B 208 1.39 -28.24 4.65
C CYS B 208 1.67 -29.52 5.43
N ASP B 209 0.69 -30.42 5.51
CA ASP B 209 0.90 -31.67 6.24
C ASP B 209 2.00 -32.52 5.61
N GLN B 210 2.19 -32.41 4.29
CA GLN B 210 3.19 -33.23 3.63
C GLN B 210 4.61 -32.70 3.86
N TYR B 211 4.75 -31.41 4.11
CA TYR B 211 6.06 -30.83 4.38
C TYR B 211 6.42 -30.83 5.86
N TYR B 212 5.42 -30.81 6.75
CA TYR B 212 5.67 -30.63 8.17
C TYR B 212 5.00 -31.65 9.08
N LEU B 213 4.11 -32.50 8.57
CA LEU B 213 3.35 -33.44 9.40
C LEU B 213 2.51 -32.71 10.43
N SER B 214 2.12 -31.47 10.13
CA SER B 214 1.23 -30.70 10.99
C SER B 214 0.83 -29.45 10.23
N SER B 215 -0.29 -28.86 10.64
CA SER B 215 -0.77 -27.64 10.02
C SER B 215 -1.67 -26.93 11.01
N PRO B 216 -1.67 -25.60 11.02
CA PRO B 216 -2.57 -24.88 11.91
C PRO B 216 -4.02 -25.07 11.52
N GLU B 217 -4.90 -24.95 12.51
CA GLU B 217 -6.33 -25.01 12.26
C GLU B 217 -6.85 -23.66 11.77
N LEU B 218 -8.07 -23.67 11.26
CA LEU B 218 -8.75 -22.48 10.78
C LEU B 218 -9.77 -22.02 11.80
N LYS B 219 -9.67 -20.75 12.20
CA LYS B 219 -10.67 -20.09 13.04
C LYS B 219 -11.31 -19.01 12.17
N LEU B 220 -12.53 -19.27 11.70
CA LEU B 220 -13.20 -18.45 10.72
C LEU B 220 -14.36 -17.71 11.38
N THR B 221 -14.43 -16.41 11.15
CA THR B 221 -15.56 -15.58 11.55
C THR B 221 -16.06 -14.83 10.33
N GLN B 222 -17.34 -14.48 10.33
CA GLN B 222 -17.93 -13.79 9.19
C GLN B 222 -18.92 -12.74 9.68
N VAL B 223 -18.94 -11.61 8.98
CA VAL B 223 -19.78 -10.47 9.33
C VAL B 223 -20.38 -9.94 8.04
N ASN B 224 -21.69 -10.05 7.90
CA ASN B 224 -22.39 -9.50 6.74
C ASN B 224 -22.98 -8.17 7.16
N GLY B 225 -22.18 -7.10 7.00
CA GLY B 225 -22.68 -5.77 7.31
C GLY B 225 -23.74 -5.31 6.34
N LYS B 226 -23.68 -5.78 5.09
CA LYS B 226 -24.63 -5.34 4.08
C LYS B 226 -25.99 -6.00 4.26
N PHE B 227 -26.00 -7.29 4.61
CA PHE B 227 -27.24 -8.03 4.86
C PHE B 227 -27.04 -8.83 6.14
N PRO B 228 -27.25 -8.20 7.31
CA PRO B 228 -26.95 -8.87 8.58
C PRO B 228 -27.53 -10.27 8.67
N ASP B 229 -26.73 -11.20 9.21
CA ASP B 229 -27.10 -12.58 9.47
C ASP B 229 -27.34 -13.39 8.19
N GLN B 230 -27.13 -12.80 7.01
CA GLN B 230 -27.33 -13.55 5.78
C GLN B 230 -26.00 -14.15 5.29
N PRO B 231 -26.04 -15.28 4.60
CA PRO B 231 -24.81 -15.79 3.98
C PRO B 231 -24.19 -14.73 3.09
N ILE B 232 -22.86 -14.75 3.02
CA ILE B 232 -22.11 -13.74 2.27
C ILE B 232 -21.92 -14.27 0.85
N HIS B 233 -22.53 -13.58 -0.11
CA HIS B 233 -22.37 -13.86 -1.52
C HIS B 233 -22.01 -12.57 -2.26
N ILE B 234 -21.16 -12.70 -3.28
CA ILE B 234 -20.96 -11.66 -4.27
C ILE B 234 -20.84 -12.32 -5.63
N VAL B 235 -20.97 -11.51 -6.67
CA VAL B 235 -20.61 -11.96 -8.01
C VAL B 235 -19.09 -12.01 -8.10
N TYR B 236 -18.54 -13.17 -8.42
CA TYR B 236 -17.09 -13.26 -8.55
C TYR B 236 -16.70 -14.53 -9.29
N VAL B 237 -15.43 -14.58 -9.68
CA VAL B 237 -14.81 -15.74 -10.32
C VAL B 237 -14.19 -16.60 -9.22
N PRO B 238 -14.83 -17.71 -8.81
CA PRO B 238 -14.31 -18.46 -7.64
C PRO B 238 -12.91 -19.01 -7.84
N SER B 239 -12.53 -19.41 -9.05
CA SER B 239 -11.19 -19.92 -9.27
C SER B 239 -10.14 -18.86 -8.93
N HIS B 240 -10.40 -17.60 -9.31
CA HIS B 240 -9.48 -16.52 -8.94
C HIS B 240 -9.43 -16.34 -7.43
N LEU B 241 -10.59 -16.36 -6.77
CA LEU B 241 -10.61 -16.20 -5.32
C LEU B 241 -9.89 -17.35 -4.63
N HIS B 242 -10.09 -18.57 -5.12
CA HIS B 242 -9.42 -19.72 -4.55
C HIS B 242 -7.91 -19.59 -4.66
N HIS B 243 -7.41 -19.13 -5.81
N HIS B 243 -7.41 -19.14 -5.82
CA HIS B 243 -5.97 -18.99 -5.99
CA HIS B 243 -5.99 -18.97 -6.02
C HIS B 243 -5.39 -18.02 -4.96
C HIS B 243 -5.39 -18.02 -4.98
N MET B 244 -6.02 -16.86 -4.80
CA MET B 244 -5.51 -15.87 -3.84
C MET B 244 -5.46 -16.46 -2.43
N LEU B 245 -6.57 -17.06 -2.00
CA LEU B 245 -6.63 -17.61 -0.65
C LEU B 245 -5.63 -18.75 -0.48
N PHE B 246 -5.54 -19.63 -1.47
CA PHE B 246 -4.62 -20.76 -1.40
C PHE B 246 -3.18 -20.28 -1.20
N GLU B 247 -2.77 -19.28 -1.97
CA GLU B 247 -1.41 -18.76 -1.86
C GLU B 247 -1.18 -18.09 -0.51
N LEU B 248 -2.17 -17.32 -0.02
CA LEU B 248 -2.00 -16.66 1.26
C LEU B 248 -2.02 -17.67 2.40
N PHE B 249 -2.82 -18.73 2.29
CA PHE B 249 -2.83 -19.75 3.34
C PHE B 249 -1.52 -20.53 3.36
N LYS B 250 -0.97 -20.85 2.19
CA LYS B 250 0.34 -21.51 2.16
C LYS B 250 1.38 -20.67 2.88
N ASN B 251 1.40 -19.36 2.63
CA ASN B 251 2.36 -18.49 3.30
C ASN B 251 2.12 -18.46 4.80
N ALA B 252 0.87 -18.30 5.22
CA ALA B 252 0.57 -18.23 6.65
C ALA B 252 0.89 -19.55 7.35
N MET B 253 0.68 -20.68 6.67
CA MET B 253 0.95 -21.96 7.29
C MET B 253 2.45 -22.21 7.44
N ARG B 254 3.22 -21.94 6.38
CA ARG B 254 4.67 -22.07 6.49
C ARG B 254 5.20 -21.19 7.62
N ALA B 255 4.82 -19.91 7.63
CA ALA B 255 5.31 -19.00 8.66
C ALA B 255 4.92 -19.48 10.04
N THR B 256 3.68 -19.94 10.21
CA THR B 256 3.21 -20.37 11.53
C THR B 256 3.99 -21.59 12.02
N VAL B 257 4.07 -22.64 11.20
CA VAL B 257 4.72 -23.87 11.65
C VAL B 257 6.18 -23.62 11.98
N GLU B 258 6.89 -22.94 11.08
CA GLU B 258 8.33 -22.75 11.29
C GLU B 258 8.61 -21.83 12.47
N HIS B 259 7.72 -20.88 12.76
CA HIS B 259 7.96 -19.97 13.87
C HIS B 259 7.62 -20.61 15.22
N GLN B 260 6.66 -21.55 15.23
CA GLN B 260 6.22 -22.18 16.47
C GLN B 260 6.69 -23.62 16.60
N GLU B 261 7.75 -23.98 15.87
CA GLU B 261 8.14 -25.39 15.78
C GLU B 261 8.60 -25.96 17.12
N ASN B 262 8.91 -25.11 18.11
CA ASN B 262 9.32 -25.57 19.43
C ASN B 262 8.19 -25.49 20.45
N GLN B 263 6.95 -25.23 20.01
CA GLN B 263 5.78 -25.03 20.85
C GLN B 263 4.93 -26.30 20.87
N PRO B 264 4.31 -26.66 22.00
CA PRO B 264 3.52 -27.90 22.03
C PRO B 264 2.35 -27.92 21.07
N SER B 265 1.84 -26.77 20.66
CA SER B 265 0.69 -26.72 19.77
C SER B 265 0.84 -25.52 18.82
N LEU B 266 0.00 -25.51 17.79
CA LEU B 266 0.03 -24.47 16.77
C LEU B 266 -1.14 -23.51 16.99
N THR B 267 -0.83 -22.23 17.07
CA THR B 267 -1.90 -21.23 17.04
C THR B 267 -2.63 -21.32 15.71
N PRO B 268 -3.95 -21.24 15.70
CA PRO B 268 -4.68 -21.32 14.44
C PRO B 268 -4.44 -20.09 13.57
N ILE B 269 -4.80 -20.22 12.31
CA ILE B 269 -4.87 -19.08 11.41
C ILE B 269 -6.28 -18.51 11.51
N GLU B 270 -6.38 -17.21 11.79
CA GLU B 270 -7.65 -16.55 11.99
C GLU B 270 -8.05 -15.81 10.72
N VAL B 271 -9.27 -16.04 10.27
CA VAL B 271 -9.80 -15.46 9.05
C VAL B 271 -11.13 -14.79 9.38
N ILE B 272 -11.29 -13.54 8.96
CA ILE B 272 -12.57 -12.85 9.04
C ILE B 272 -12.98 -12.45 7.64
N VAL B 273 -14.22 -12.76 7.29
CA VAL B 273 -14.84 -12.37 6.02
C VAL B 273 -15.90 -11.34 6.33
N VAL B 274 -15.81 -10.16 5.72
CA VAL B 274 -16.72 -9.05 5.98
C VAL B 274 -17.29 -8.57 4.65
N LEU B 275 -18.61 -8.46 4.59
CA LEU B 275 -19.29 -7.87 3.44
C LEU B 275 -19.81 -6.49 3.86
N GLY B 276 -19.25 -5.45 3.25
CA GLY B 276 -19.76 -4.11 3.41
C GLY B 276 -20.54 -3.66 2.18
N LYS B 277 -20.92 -2.38 2.19
CA LYS B 277 -21.74 -1.86 1.09
C LYS B 277 -20.98 -1.91 -0.23
N GLU B 278 -19.71 -1.52 -0.23
CA GLU B 278 -18.89 -1.48 -1.43
C GLU B 278 -17.83 -2.57 -1.50
N ASP B 279 -17.42 -3.11 -0.36
CA ASP B 279 -16.26 -3.99 -0.29
C ASP B 279 -16.63 -5.35 0.27
N LEU B 280 -15.99 -6.38 -0.27
CA LEU B 280 -15.84 -7.67 0.39
C LEU B 280 -14.39 -7.77 0.82
N THR B 281 -14.17 -7.94 2.13
CA THR B 281 -12.83 -7.93 2.71
C THR B 281 -12.58 -9.25 3.42
N ILE B 282 -11.42 -9.83 3.18
CA ILE B 282 -10.98 -11.06 3.84
C ILE B 282 -9.63 -10.79 4.47
N LYS B 283 -9.54 -10.91 5.78
CA LYS B 283 -8.29 -10.72 6.51
C LYS B 283 -7.84 -12.06 7.06
N ILE B 284 -6.59 -12.43 6.73
CA ILE B 284 -5.99 -13.69 7.16
C ILE B 284 -4.86 -13.33 8.11
N SER B 285 -4.99 -13.76 9.38
CA SER B 285 -4.07 -13.38 10.44
C SER B 285 -3.37 -14.62 10.97
N ASP B 286 -2.05 -14.55 11.09
CA ASP B 286 -1.27 -15.65 11.64
C ASP B 286 -0.38 -15.13 12.76
N ARG B 287 0.20 -16.07 13.50
CA ARG B 287 1.21 -15.75 14.50
C ARG B 287 2.51 -16.41 14.09
N GLY B 288 2.94 -16.17 12.85
CA GLY B 288 4.11 -16.81 12.29
C GLY B 288 5.36 -15.95 12.28
N GLY B 289 5.46 -15.00 13.22
CA GLY B 289 6.68 -14.25 13.43
C GLY B 289 6.79 -12.96 12.65
N GLY B 290 5.96 -12.76 11.62
CA GLY B 290 5.96 -11.51 10.91
C GLY B 290 7.18 -11.30 10.02
N VAL B 291 7.30 -10.06 9.55
CA VAL B 291 8.31 -9.68 8.57
C VAL B 291 8.82 -8.27 8.85
N PRO B 292 10.12 -8.02 8.78
CA PRO B 292 10.59 -6.63 8.92
C PRO B 292 9.97 -5.73 7.85
N LEU B 293 9.52 -4.55 8.28
CA LEU B 293 8.91 -3.62 7.34
C LEU B 293 9.83 -3.33 6.16
N ARG B 294 11.15 -3.34 6.40
CA ARG B 294 12.11 -3.04 5.35
C ARG B 294 11.88 -3.90 4.10
N ILE B 295 11.62 -5.20 4.30
CA ILE B 295 11.53 -6.12 3.18
C ILE B 295 10.10 -6.40 2.74
N ILE B 296 9.11 -5.71 3.34
CA ILE B 296 7.73 -5.92 2.94
C ILE B 296 7.57 -5.75 1.43
N ASP B 297 8.12 -4.65 0.90
CA ASP B 297 8.01 -4.42 -0.54
C ASP B 297 8.65 -5.53 -1.34
N ARG B 298 9.84 -5.98 -0.92
CA ARG B 298 10.51 -7.09 -1.60
C ARG B 298 9.60 -8.29 -1.73
N LEU B 299 8.71 -8.51 -0.76
CA LEU B 299 7.89 -9.72 -0.76
C LEU B 299 7.06 -9.85 -2.02
N PHE B 300 6.61 -8.72 -2.59
CA PHE B 300 5.74 -8.74 -3.75
C PHE B 300 6.52 -8.73 -5.06
N SER B 301 7.85 -8.85 -5.00
CA SER B 301 8.65 -8.94 -6.21
C SER B 301 8.65 -10.38 -6.72
N TYR B 302 8.51 -10.53 -8.03
CA TYR B 302 8.55 -11.86 -8.63
C TYR B 302 9.88 -12.54 -8.34
N THR B 303 9.80 -13.79 -7.88
CA THR B 303 10.90 -14.69 -7.55
C THR B 303 11.45 -14.45 -6.15
N TYR B 304 11.07 -13.39 -5.45
CA TYR B 304 11.57 -13.19 -4.09
C TYR B 304 10.98 -14.22 -3.15
N SER B 305 11.86 -14.92 -2.42
CA SER B 305 11.42 -15.92 -1.46
C SER B 305 12.54 -16.13 -0.44
N THR B 306 12.16 -16.26 0.83
CA THR B 306 13.13 -16.64 1.85
C THR B 306 13.40 -18.13 1.87
N ALA B 307 12.65 -18.91 1.13
CA ALA B 307 12.93 -20.33 0.98
C ALA B 307 13.82 -20.54 -0.24
N PRO B 308 14.67 -21.58 -0.23
CA PRO B 308 15.48 -21.85 -1.42
C PRO B 308 14.60 -22.23 -2.61
N THR B 309 15.08 -21.90 -3.80
CA THR B 309 14.30 -22.16 -5.00
C THR B 309 14.23 -23.67 -5.25
N PRO B 310 13.03 -24.24 -5.49
CA PRO B 310 12.97 -25.68 -5.69
C PRO B 310 13.63 -26.13 -6.99
N PRO B 319 5.46 -28.10 -4.62
CA PRO B 319 6.26 -27.06 -3.98
C PRO B 319 5.44 -26.19 -3.03
N LEU B 320 5.90 -26.04 -1.79
CA LEU B 320 5.21 -25.16 -0.85
C LEU B 320 5.63 -23.72 -1.06
N ALA B 321 6.93 -23.44 -0.99
CA ALA B 321 7.45 -22.10 -1.17
C ALA B 321 8.79 -22.17 -1.89
N GLY B 322 9.17 -21.06 -2.51
CA GLY B 322 10.49 -20.95 -3.12
C GLY B 322 10.50 -20.30 -4.49
N PHE B 323 9.38 -20.36 -5.20
CA PHE B 323 9.30 -19.73 -6.52
C PHE B 323 8.96 -18.25 -6.44
N GLY B 324 8.44 -17.77 -5.32
CA GLY B 324 8.22 -16.35 -5.13
C GLY B 324 7.19 -15.73 -6.05
N TYR B 325 6.11 -16.46 -6.35
CA TYR B 325 5.02 -15.93 -7.17
C TYR B 325 3.73 -15.72 -6.41
N GLY B 326 3.58 -16.31 -5.22
CA GLY B 326 2.34 -16.25 -4.47
C GLY B 326 1.78 -14.86 -4.27
N LEU B 327 2.58 -13.96 -3.69
CA LEU B 327 2.06 -12.62 -3.39
C LEU B 327 1.82 -11.80 -4.65
N PRO B 328 2.77 -11.67 -5.57
CA PRO B 328 2.49 -10.80 -6.73
C PRO B 328 1.36 -11.29 -7.61
N ILE B 329 1.29 -12.60 -7.90
CA ILE B 329 0.20 -13.11 -8.72
C ILE B 329 -1.13 -12.96 -8.01
N SER B 330 -1.17 -13.29 -6.70
CA SER B 330 -2.41 -13.12 -5.95
C SER B 330 -2.86 -11.67 -5.96
N ARG B 331 -1.93 -10.72 -5.86
CA ARG B 331 -2.30 -9.32 -5.93
C ARG B 331 -2.87 -8.98 -7.30
N LEU B 332 -2.31 -9.57 -8.37
CA LEU B 332 -2.85 -9.31 -9.70
C LEU B 332 -4.29 -9.75 -9.80
N TYR B 333 -4.60 -10.97 -9.33
CA TYR B 333 -5.99 -11.42 -9.35
C TYR B 333 -6.89 -10.47 -8.58
N ALA B 334 -6.44 -9.99 -7.42
CA ALA B 334 -7.26 -9.07 -6.64
C ALA B 334 -7.50 -7.77 -7.39
N LYS B 335 -6.43 -7.22 -8.00
CA LYS B 335 -6.55 -5.93 -8.68
C LYS B 335 -7.19 -6.05 -10.05
N TYR B 336 -7.30 -7.27 -10.60
CA TYR B 336 -7.84 -7.46 -11.94
C TYR B 336 -9.24 -6.86 -12.07
N PHE B 337 -10.07 -7.02 -11.04
CA PHE B 337 -11.41 -6.45 -11.02
C PHE B 337 -11.54 -5.32 -10.00
N GLN B 338 -10.49 -4.50 -9.88
CA GLN B 338 -10.47 -3.30 -9.06
C GLN B 338 -10.41 -3.59 -7.57
N GLY B 339 -9.99 -4.79 -7.18
CA GLY B 339 -9.70 -5.10 -5.80
C GLY B 339 -8.27 -4.78 -5.44
N ASP B 340 -7.82 -5.33 -4.33
CA ASP B 340 -6.43 -5.11 -3.92
C ASP B 340 -6.05 -6.16 -2.90
N LEU B 341 -4.74 -6.25 -2.65
CA LEU B 341 -4.19 -7.20 -1.69
C LEU B 341 -3.03 -6.52 -1.00
N ASN B 342 -3.08 -6.47 0.32
CA ASN B 342 -2.05 -5.83 1.12
C ASN B 342 -1.61 -6.78 2.22
N LEU B 343 -0.41 -6.51 2.73
CA LEU B 343 0.17 -7.28 3.81
C LEU B 343 0.71 -6.30 4.85
N TYR B 344 0.32 -6.51 6.10
CA TYR B 344 0.78 -5.68 7.21
C TYR B 344 1.26 -6.62 8.30
N SER B 345 2.49 -6.42 8.76
CA SER B 345 3.15 -7.38 9.61
C SER B 345 3.58 -6.74 10.93
N LEU B 346 3.57 -7.56 11.98
CA LEU B 346 4.10 -7.19 13.29
C LEU B 346 5.33 -8.07 13.48
N SER B 347 6.48 -7.54 13.08
CA SER B 347 7.72 -8.31 13.13
C SER B 347 7.98 -8.79 14.55
N GLY B 348 8.14 -10.11 14.69
CA GLY B 348 8.27 -10.73 15.99
C GLY B 348 7.00 -11.36 16.52
N TYR B 349 5.88 -11.24 15.80
CA TYR B 349 4.61 -11.79 16.26
C TYR B 349 3.86 -12.50 15.13
N GLY B 350 3.47 -11.76 14.10
CA GLY B 350 2.65 -12.34 13.06
C GLY B 350 2.31 -11.34 11.98
N THR B 351 1.45 -11.77 11.06
CA THR B 351 1.17 -11.03 9.84
C THR B 351 -0.32 -11.05 9.54
N ASP B 352 -0.84 -9.92 9.05
CA ASP B 352 -2.19 -9.82 8.53
C ASP B 352 -2.12 -9.64 7.02
N ALA B 353 -2.72 -10.57 6.28
CA ALA B 353 -2.90 -10.44 4.84
C ALA B 353 -4.37 -10.14 4.57
N ILE B 354 -4.64 -9.16 3.73
CA ILE B 354 -5.99 -8.67 3.54
C ILE B 354 -6.30 -8.59 2.05
N ILE B 355 -7.41 -9.20 1.65
CA ILE B 355 -7.92 -9.15 0.28
C ILE B 355 -9.12 -8.21 0.25
N TYR B 356 -9.14 -7.30 -0.72
CA TYR B 356 -10.30 -6.45 -0.97
C TYR B 356 -10.87 -6.78 -2.34
N LEU B 357 -12.17 -7.08 -2.39
CA LEU B 357 -12.90 -7.27 -3.62
C LEU B 357 -14.08 -6.32 -3.68
N LYS B 358 -14.40 -5.85 -4.88
CA LYS B 358 -15.59 -5.03 -5.07
C LYS B 358 -16.83 -5.86 -4.83
N ALA B 359 -17.78 -5.33 -4.05
CA ALA B 359 -19.01 -6.04 -3.74
C ALA B 359 -20.04 -5.92 -4.85
N LEU B 360 -19.89 -4.95 -5.75
CA LEU B 360 -20.81 -4.73 -6.85
C LEU B 360 -20.18 -5.21 -8.15
N SER B 361 -20.96 -5.92 -8.96
CA SER B 361 -20.45 -6.41 -10.24
C SER B 361 -20.25 -5.27 -11.22
N SER B 362 -21.03 -4.20 -11.09
CA SER B 362 -20.89 -3.06 -12.01
C SER B 362 -19.57 -2.32 -11.79
N GLU B 363 -19.01 -2.41 -10.59
CA GLU B 363 -17.74 -1.76 -10.28
C GLU B 363 -16.55 -2.69 -10.44
N SER B 364 -16.79 -3.97 -10.73
CA SER B 364 -15.73 -4.95 -10.94
C SER B 364 -15.29 -4.89 -12.39
N ILE B 365 -14.40 -3.94 -12.68
CA ILE B 365 -14.00 -3.60 -14.04
C ILE B 365 -12.58 -4.08 -14.26
N GLU B 366 -12.32 -4.65 -15.44
CA GLU B 366 -10.99 -5.14 -15.77
C GLU B 366 -9.95 -4.05 -15.62
N LYS B 367 -8.83 -4.39 -14.98
CA LYS B 367 -7.67 -3.51 -14.86
C LYS B 367 -6.64 -4.02 -15.87
N LEU B 368 -6.45 -3.27 -16.98
CA LEU B 368 -5.68 -3.77 -18.10
C LEU B 368 -4.49 -2.88 -18.40
N PRO B 369 -3.34 -3.47 -18.76
CA PRO B 369 -2.21 -2.65 -19.23
C PRO B 369 -2.37 -2.29 -20.69
N VAL B 370 -1.85 -1.12 -21.04
CA VAL B 370 -1.90 -0.61 -22.41
C VAL B 370 -0.51 -0.14 -22.79
N PHE B 371 -0.08 -0.49 -24.00
CA PHE B 371 1.22 -0.07 -24.51
C PHE B 371 1.05 1.30 -25.18
N ASN B 372 1.64 2.32 -24.58
CA ASN B 372 1.57 3.67 -25.10
C ASN B 372 2.82 4.41 -24.65
N LYS B 373 2.87 5.72 -24.95
CA LYS B 373 4.03 6.52 -24.58
C LYS B 373 4.31 6.43 -23.09
N SER B 374 3.26 6.46 -22.26
CA SER B 374 3.43 6.37 -20.82
C SER B 374 4.11 5.06 -20.43
N ALA B 375 3.65 3.94 -20.99
CA ALA B 375 4.29 2.66 -20.71
C ALA B 375 5.73 2.67 -21.17
N PHE B 376 6.00 3.18 -22.37
CA PHE B 376 7.37 3.23 -22.88
C PHE B 376 8.26 4.05 -21.96
N LYS B 377 7.73 5.13 -21.39
CA LYS B 377 8.52 5.97 -20.50
C LYS B 377 8.95 5.21 -19.24
N HIS B 378 8.06 4.40 -18.69
N HIS B 378 8.07 4.39 -18.69
CA HIS B 378 8.40 3.67 -17.46
CA HIS B 378 8.40 3.67 -17.46
C HIS B 378 9.59 2.76 -17.68
C HIS B 378 9.59 2.75 -17.67
N TYR B 379 9.68 2.12 -18.84
CA TYR B 379 10.80 1.22 -19.14
C TYR B 379 12.09 2.01 -19.26
#